data_6V42
#
_entry.id   6V42
#
_cell.length_a   61.669
_cell.length_b   125.209
_cell.length_c   127.329
_cell.angle_alpha   90.000
_cell.angle_beta   90.000
_cell.angle_gamma   90.000
#
_symmetry.space_group_name_H-M   'P 21 21 21'
#
loop_
_entity.id
_entity.type
_entity.pdbx_description
1 polymer 'FAD/FMN-containing dehydrogenase'
2 non-polymer 'FLAVIN-ADENINE DINUCLEOTIDE'
3 water water
#
_entity_poly.entity_id   1
_entity_poly.type   'polypeptide(L)'
_entity_poly.pdbx_seq_one_letter_code
;GH(MSE)NIEALTAELDGIRIEDNEKIVQQKSRDFYWYSPLLKRQLDHVTGDLVVSPKTEAELIRVLKACYRHEVPVTPR
GTGTGNYGQA(MSE)PLSGGVVLSLAD(MSE)NDIREIKPGWVICGPGVICSDLDKAARAHSGQELR(MSE)HPSTYHTA
TVGGFIAGGSGGIGSINWGGLRDFGNIIRLRVVT(MSE)EQEPQVLELTGEDLHKVTHAYGTNGIITEIE(MSE)PLAPA
YDWIDA(MSE)VGFDSFDTAAAYANALARQDGILTKLVSVVAAPCPFDYFKRHQKFLKEGQSVVLV(MSE)VAAQSHDAF
KAFSARSGGEIIFDATTAGDLKGLPPLFELSWNHTTLRALRVDPAWTYLQVLYPFPNQLELTAK(MSE)DR(MSE)FPGE
LISHLEFVRFDGDITCFGLPLVKFTTDERLEEI(MSE)DLHNANGCPIFNPHRYTLEEGG(MSE)KQTDEIQLAFKREAD
PKGLLNPGK(MSE)IAWDDPDYDFNSGKVWLFKGLKQAS
;
_entity_poly.pdbx_strand_id   A,B
#
loop_
_chem_comp.id
_chem_comp.type
_chem_comp.name
_chem_comp.formula
FAD non-polymer 'FLAVIN-ADENINE DINUCLEOTIDE' 'C27 H33 N9 O15 P2'
#
# COMPACT_ATOMS: atom_id res chain seq x y z
N GLY A 1 -38.12 2.94 -32.01
CA GLY A 1 -38.70 3.36 -30.75
C GLY A 1 -40.01 4.09 -30.92
N HIS A 2 -40.95 3.83 -30.01
CA HIS A 2 -42.27 4.46 -30.02
C HIS A 2 -42.49 5.10 -28.65
N MSE A 3 -41.81 6.21 -28.41
CA MSE A 3 -41.85 6.87 -27.11
C MSE A 3 -43.24 7.40 -26.79
O MSE A 3 -43.89 8.04 -27.63
CB MSE A 3 -40.85 8.01 -27.07
CG MSE A 3 -40.60 8.51 -25.68
SE MSE A 3 -39.40 10.04 -25.63
CE MSE A 3 -38.12 9.46 -27.00
N ASN A 4 -43.72 7.14 -25.58
CA ASN A 4 -45.03 7.65 -25.15
C ASN A 4 -44.83 8.23 -23.76
N ILE A 5 -44.52 9.52 -23.70
CA ILE A 5 -44.23 10.19 -22.44
C ILE A 5 -45.46 10.24 -21.56
N GLU A 6 -46.63 10.52 -22.16
CA GLU A 6 -47.84 10.65 -21.36
C GLU A 6 -48.18 9.34 -20.66
N ALA A 7 -48.10 8.23 -21.37
CA ALA A 7 -48.43 6.94 -20.77
C ALA A 7 -47.41 6.57 -19.70
N LEU A 8 -46.14 6.91 -19.93
CA LEU A 8 -45.13 6.72 -18.90
C LEU A 8 -45.50 7.47 -17.63
N THR A 9 -45.81 8.76 -17.77
CA THR A 9 -46.13 9.58 -16.60
C THR A 9 -47.31 9.00 -15.82
N ALA A 10 -48.33 8.50 -16.54
CA ALA A 10 -49.51 7.97 -15.88
C ALA A 10 -49.20 6.72 -15.07
N GLU A 11 -48.13 6.01 -15.41
CA GLU A 11 -47.77 4.80 -14.69
C GLU A 11 -46.90 5.06 -13.46
N LEU A 12 -46.57 6.33 -13.18
CA LEU A 12 -45.61 6.66 -12.14
C LEU A 12 -46.22 7.44 -10.98
N ASP A 13 -47.53 7.31 -10.77
CA ASP A 13 -48.15 8.00 -9.64
C ASP A 13 -47.48 7.59 -8.34
N GLY A 14 -47.16 8.57 -7.49
CA GLY A 14 -46.46 8.32 -6.26
C GLY A 14 -44.96 8.43 -6.35
N ILE A 15 -44.39 8.47 -7.55
CA ILE A 15 -42.95 8.61 -7.76
C ILE A 15 -42.67 10.04 -8.19
N ARG A 16 -41.60 10.62 -7.64
CA ARG A 16 -41.32 12.02 -7.91
C ARG A 16 -40.79 12.22 -9.32
N ILE A 17 -41.44 13.12 -10.06
CA ILE A 17 -41.12 13.43 -11.44
C ILE A 17 -41.04 14.96 -11.58
N GLU A 18 -40.15 15.41 -12.45
CA GLU A 18 -40.03 16.84 -12.75
C GLU A 18 -40.03 17.02 -14.26
N ASP A 19 -40.93 17.87 -14.76
CA ASP A 19 -40.98 18.19 -16.17
C ASP A 19 -40.70 19.65 -16.49
N ASN A 20 -40.41 20.49 -15.48
CA ASN A 20 -40.09 21.88 -15.75
C ASN A 20 -38.90 21.97 -16.70
N GLU A 21 -39.05 22.77 -17.76
CA GLU A 21 -38.04 22.77 -18.82
C GLU A 21 -36.67 23.19 -18.31
N LYS A 22 -36.62 24.24 -17.49
CA LYS A 22 -35.34 24.75 -17.00
C LYS A 22 -34.67 23.74 -16.09
N ILE A 23 -35.44 23.12 -15.18
CA ILE A 23 -34.87 22.12 -14.28
C ILE A 23 -34.41 20.90 -15.06
N VAL A 24 -35.23 20.43 -16.00
CA VAL A 24 -34.83 19.27 -16.80
C VAL A 24 -33.56 19.56 -17.58
N GLN A 25 -33.46 20.77 -18.14
CA GLN A 25 -32.25 21.16 -18.87
C GLN A 25 -31.03 21.11 -17.98
N GLN A 26 -31.13 21.68 -16.77
CA GLN A 26 -29.99 21.68 -15.86
C GLN A 26 -29.58 20.26 -15.49
N LYS A 27 -30.56 19.39 -15.25
CA LYS A 27 -30.29 18.01 -14.86
C LYS A 27 -30.03 17.11 -16.06
N SER A 28 -29.89 17.68 -17.25
CA SER A 28 -29.46 16.97 -18.44
C SER A 28 -28.04 17.33 -18.85
N ARG A 29 -27.34 18.07 -17.99
CA ARG A 29 -25.99 18.52 -18.29
C ARG A 29 -25.05 18.17 -17.15
N ASP A 30 -23.81 17.86 -17.51
CA ASP A 30 -22.74 17.69 -16.54
C ASP A 30 -21.65 18.74 -16.78
N PHE A 31 -20.38 18.39 -16.56
CA PHE A 31 -19.28 19.33 -16.79
C PHE A 31 -18.57 19.05 -18.12
N TYR A 32 -19.30 18.49 -19.07
CA TYR A 32 -18.83 18.33 -20.45
C TYR A 32 -18.18 19.58 -21.00
N TRP A 33 -18.63 20.76 -20.56
CA TRP A 33 -18.17 22.02 -21.12
C TRP A 33 -16.72 22.35 -20.77
N TYR A 34 -16.08 21.59 -19.86
CA TYR A 34 -14.63 21.68 -19.73
C TYR A 34 -13.94 21.39 -21.06
N SER A 35 -14.58 20.65 -21.96
CA SER A 35 -14.08 20.40 -23.31
C SER A 35 -14.76 21.36 -24.28
N PRO A 36 -14.02 22.22 -24.98
CA PRO A 36 -14.67 23.09 -25.98
C PRO A 36 -15.41 22.31 -27.05
N LEU A 37 -14.90 21.14 -27.43
CA LEU A 37 -15.58 20.34 -28.44
C LEU A 37 -16.90 19.81 -27.91
N LEU A 38 -16.91 19.24 -26.71
CA LEU A 38 -18.16 18.73 -26.15
C LEU A 38 -19.15 19.86 -25.90
N LYS A 39 -18.65 21.04 -25.48
CA LYS A 39 -19.55 22.16 -25.24
C LYS A 39 -20.34 22.50 -26.50
N ARG A 40 -19.68 22.46 -27.65
CA ARG A 40 -20.34 22.73 -28.92
C ARG A 40 -21.24 21.57 -29.36
N GLN A 41 -20.76 20.32 -29.20
CA GLN A 41 -21.50 19.18 -29.73
C GLN A 41 -22.75 18.85 -28.92
N LEU A 42 -22.70 19.04 -27.61
CA LEU A 42 -23.78 18.63 -26.72
C LEU A 42 -24.63 19.81 -26.23
N ASP A 43 -24.42 21.00 -26.79
CA ASP A 43 -25.12 22.20 -26.33
C ASP A 43 -26.64 22.07 -26.41
N HIS A 44 -27.15 21.24 -27.30
CA HIS A 44 -28.59 21.20 -27.55
C HIS A 44 -29.26 19.99 -26.91
N VAL A 45 -28.52 19.23 -26.11
CA VAL A 45 -29.03 18.04 -25.45
C VAL A 45 -29.92 18.45 -24.28
N THR A 46 -31.12 17.86 -24.22
CA THR A 46 -31.93 17.96 -23.01
C THR A 46 -32.87 16.76 -22.93
N GLY A 47 -33.17 16.36 -21.70
CA GLY A 47 -34.15 15.31 -21.48
C GLY A 47 -35.56 15.84 -21.56
N ASP A 48 -36.50 14.94 -21.34
CA ASP A 48 -37.91 15.31 -21.29
C ASP A 48 -38.48 15.38 -19.88
N LEU A 49 -37.93 14.60 -18.95
CA LEU A 49 -38.32 14.71 -17.55
C LEU A 49 -37.25 14.07 -16.70
N VAL A 50 -37.25 14.41 -15.41
CA VAL A 50 -36.35 13.82 -14.42
C VAL A 50 -37.20 12.99 -13.47
N VAL A 51 -36.84 11.72 -13.30
CA VAL A 51 -37.56 10.82 -12.41
C VAL A 51 -36.63 10.41 -11.28
N SER A 52 -37.11 10.52 -10.05
CA SER A 52 -36.26 10.37 -8.86
C SER A 52 -36.80 9.31 -7.92
N PRO A 53 -36.55 8.03 -8.20
CA PRO A 53 -37.03 6.98 -7.30
C PRO A 53 -36.33 7.04 -5.94
N LYS A 54 -37.08 6.70 -4.89
CA LYS A 54 -36.56 6.66 -3.52
C LYS A 54 -36.21 5.25 -3.06
N THR A 55 -36.75 4.22 -3.71
CA THR A 55 -36.49 2.84 -3.37
C THR A 55 -36.23 2.05 -4.65
N GLU A 56 -35.60 0.89 -4.48
CA GLU A 56 -35.42 0.00 -5.61
C GLU A 56 -36.77 -0.40 -6.22
N ALA A 57 -37.79 -0.56 -5.39
CA ALA A 57 -39.10 -0.90 -5.93
C ALA A 57 -39.63 0.21 -6.83
N GLU A 58 -39.45 1.46 -6.43
CA GLU A 58 -39.87 2.56 -7.30
C GLU A 58 -39.06 2.58 -8.58
N LEU A 59 -37.75 2.34 -8.47
CA LEU A 59 -36.89 2.25 -9.64
C LEU A 59 -37.38 1.17 -10.60
N ILE A 60 -37.74 0.00 -10.07
CA ILE A 60 -38.27 -1.07 -10.91
C ILE A 60 -39.56 -0.63 -11.61
N ARG A 61 -40.44 0.07 -10.89
CA ARG A 61 -41.63 0.60 -11.53
C ARG A 61 -41.26 1.50 -12.71
N VAL A 62 -40.24 2.34 -12.53
CA VAL A 62 -39.84 3.28 -13.57
C VAL A 62 -39.31 2.53 -14.79
N LEU A 63 -38.36 1.62 -14.58
CA LEU A 63 -37.79 0.88 -15.71
C LEU A 63 -38.85 0.06 -16.43
N LYS A 64 -39.72 -0.61 -15.67
CA LYS A 64 -40.76 -1.41 -16.31
C LYS A 64 -41.65 -0.55 -17.20
N ALA A 65 -42.00 0.65 -16.73
CA ALA A 65 -42.83 1.54 -17.52
C ALA A 65 -42.06 2.09 -18.73
N CYS A 66 -40.78 2.44 -18.53
CA CYS A 66 -40.00 2.97 -19.65
C CYS A 66 -39.76 1.92 -20.72
N TYR A 67 -39.56 0.66 -20.33
CA TYR A 67 -39.46 -0.42 -21.32
C TYR A 67 -40.76 -0.53 -22.12
N ARG A 68 -41.90 -0.49 -21.45
CA ARG A 68 -43.17 -0.67 -22.12
C ARG A 68 -43.49 0.50 -23.05
N HIS A 69 -43.18 1.72 -22.63
CA HIS A 69 -43.53 2.89 -23.41
C HIS A 69 -42.35 3.43 -24.19
N GLU A 70 -41.27 2.65 -24.24
CA GLU A 70 -40.11 2.92 -25.08
C GLU A 70 -39.54 4.32 -24.85
N VAL A 71 -39.33 4.65 -23.59
CA VAL A 71 -38.76 5.93 -23.20
C VAL A 71 -37.31 5.70 -22.80
N PRO A 72 -36.34 6.33 -23.47
CA PRO A 72 -34.94 6.15 -23.09
C PRO A 72 -34.70 6.58 -21.65
N VAL A 73 -33.72 5.94 -21.01
CA VAL A 73 -33.38 6.20 -19.62
C VAL A 73 -31.89 6.47 -19.55
N THR A 74 -31.52 7.64 -19.04
CA THR A 74 -30.12 7.98 -18.81
C THR A 74 -29.90 8.22 -17.32
N PRO A 75 -29.11 7.40 -16.64
CA PRO A 75 -28.93 7.56 -15.20
C PRO A 75 -28.12 8.81 -14.88
N ARG A 76 -28.37 9.36 -13.70
CA ARG A 76 -27.64 10.53 -13.21
C ARG A 76 -27.44 10.37 -11.72
N GLY A 77 -26.21 10.60 -11.26
CA GLY A 77 -25.93 10.76 -9.86
C GLY A 77 -26.16 12.22 -9.49
N THR A 78 -25.07 13.00 -9.47
CA THR A 78 -25.18 14.44 -9.30
C THR A 78 -24.60 15.21 -10.48
N GLY A 79 -24.29 14.52 -11.58
CA GLY A 79 -23.97 15.21 -12.81
C GLY A 79 -22.66 15.98 -12.78
N THR A 80 -21.63 15.41 -12.14
CA THR A 80 -20.32 16.03 -12.14
C THR A 80 -19.34 15.41 -13.12
N GLY A 81 -19.77 14.47 -13.96
CA GLY A 81 -18.87 13.91 -14.95
C GLY A 81 -18.37 14.97 -15.92
N ASN A 82 -17.27 14.67 -16.59
CA ASN A 82 -16.65 15.63 -17.50
C ASN A 82 -16.85 15.31 -18.98
N TYR A 83 -17.43 14.17 -19.33
CA TYR A 83 -17.49 13.76 -20.73
C TYR A 83 -18.91 13.72 -21.28
N GLY A 84 -19.90 14.23 -20.55
CA GLY A 84 -21.28 14.11 -20.98
C GLY A 84 -21.91 12.75 -20.68
N GLN A 85 -21.31 11.98 -19.76
CA GLN A 85 -21.76 10.60 -19.55
C GLN A 85 -23.23 10.54 -19.17
N ALA A 86 -23.67 11.43 -18.27
CA ALA A 86 -25.06 11.44 -17.80
C ALA A 86 -25.99 12.25 -18.69
N MSE A 87 -25.55 12.68 -19.88
CA MSE A 87 -26.39 13.53 -20.70
C MSE A 87 -27.22 12.74 -21.70
O MSE A 87 -26.70 11.91 -22.43
CB MSE A 87 -25.55 14.60 -21.39
CG MSE A 87 -24.78 15.45 -20.38
SE MSE A 87 -23.80 16.97 -21.11
CE MSE A 87 -25.17 17.81 -22.21
N PRO A 88 -28.54 13.01 -21.71
CA PRO A 88 -29.48 12.19 -22.50
C PRO A 88 -29.51 12.55 -23.99
N LEU A 89 -28.76 11.80 -24.80
CA LEU A 89 -28.64 12.10 -26.22
C LEU A 89 -29.95 11.90 -26.98
N SER A 90 -30.86 11.08 -26.47
CA SER A 90 -32.12 10.81 -27.14
C SER A 90 -33.32 11.39 -26.39
N GLY A 91 -33.09 12.37 -25.51
CA GLY A 91 -34.20 12.84 -24.70
C GLY A 91 -34.62 11.79 -23.69
N GLY A 92 -35.92 11.79 -23.38
CA GLY A 92 -36.45 10.77 -22.49
C GLY A 92 -36.22 11.09 -21.02
N VAL A 93 -36.06 10.03 -20.23
CA VAL A 93 -35.98 10.14 -18.78
C VAL A 93 -34.54 10.35 -18.36
N VAL A 94 -34.29 11.39 -17.57
CA VAL A 94 -33.09 11.45 -16.74
C VAL A 94 -33.46 10.76 -15.43
N LEU A 95 -32.86 9.61 -15.17
CA LEU A 95 -33.17 8.82 -13.99
C LEU A 95 -32.17 9.21 -12.91
N SER A 96 -32.61 10.08 -11.99
CA SER A 96 -31.75 10.52 -10.91
C SER A 96 -31.76 9.49 -9.79
N LEU A 97 -30.57 9.09 -9.35
CA LEU A 97 -30.43 8.20 -8.20
C LEU A 97 -30.11 8.97 -6.93
N ALA A 98 -30.25 10.29 -6.97
CA ALA A 98 -29.85 11.12 -5.83
C ALA A 98 -30.61 10.76 -4.55
N ASP A 99 -31.85 10.29 -4.67
CA ASP A 99 -32.62 9.89 -3.49
C ASP A 99 -32.48 8.42 -3.13
N MSE A 100 -31.67 7.67 -3.86
CA MSE A 100 -31.34 6.31 -3.44
C MSE A 100 -29.99 6.36 -2.74
O MSE A 100 -28.95 5.89 -3.24
CB MSE A 100 -31.36 5.34 -4.63
CG MSE A 100 -32.79 5.07 -5.09
SE MSE A 100 -32.84 3.72 -6.49
CE MSE A 100 -32.06 2.23 -5.49
N ASN A 101 -30.01 6.99 -1.58
CA ASN A 101 -28.81 7.42 -0.87
C ASN A 101 -28.78 6.87 0.54
N ASP A 102 -29.26 5.66 0.75
CA ASP A 102 -29.24 5.07 2.07
C ASP A 102 -27.86 4.52 2.39
N ILE A 103 -27.48 4.61 3.65
CA ILE A 103 -26.29 3.93 4.15
C ILE A 103 -26.79 2.78 4.99
N ARG A 104 -26.52 1.55 4.54
CA ARG A 104 -27.15 0.37 5.11
C ARG A 104 -26.29 -0.33 6.16
N GLU A 105 -25.00 -0.55 5.86
CA GLU A 105 -24.13 -1.27 6.77
C GLU A 105 -22.73 -0.67 6.74
N ILE A 106 -22.11 -0.59 7.92
CA ILE A 106 -20.71 -0.21 8.07
C ILE A 106 -20.09 -1.24 8.99
N LYS A 107 -19.11 -1.98 8.49
CA LYS A 107 -18.39 -3.01 9.23
C LYS A 107 -16.90 -2.75 9.08
N PRO A 108 -16.07 -3.43 9.90
CA PRO A 108 -14.61 -3.29 9.73
C PRO A 108 -14.17 -3.67 8.33
N GLY A 109 -13.75 -2.69 7.53
CA GLY A 109 -13.28 -2.99 6.21
C GLY A 109 -14.30 -2.93 5.06
N TRP A 110 -15.59 -2.69 5.32
CA TRP A 110 -16.52 -2.60 4.20
C TRP A 110 -17.78 -1.81 4.54
N VAL A 111 -18.43 -1.30 3.48
CA VAL A 111 -19.67 -0.54 3.58
C VAL A 111 -20.65 -1.02 2.52
N ILE A 112 -21.93 -0.98 2.85
CA ILE A 112 -23.01 -1.20 1.88
C ILE A 112 -23.88 0.04 1.85
N CYS A 113 -24.09 0.61 0.66
CA CYS A 113 -24.89 1.82 0.56
C CYS A 113 -25.54 1.92 -0.80
N GLY A 114 -26.41 2.92 -0.95
CA GLY A 114 -27.04 3.22 -2.22
C GLY A 114 -26.14 4.03 -3.13
N PRO A 115 -26.51 4.07 -4.41
CA PRO A 115 -25.65 4.75 -5.40
C PRO A 115 -25.63 6.27 -5.23
N GLY A 116 -26.67 6.85 -4.66
CA GLY A 116 -26.77 8.29 -4.52
C GLY A 116 -26.00 8.92 -3.39
N VAL A 117 -25.35 8.12 -2.54
CA VAL A 117 -24.62 8.70 -1.42
C VAL A 117 -23.47 9.54 -1.95
N ILE A 118 -23.36 10.78 -1.45
CA ILE A 118 -22.24 11.63 -1.82
C ILE A 118 -20.98 11.14 -1.12
N CYS A 119 -19.85 11.18 -1.82
CA CYS A 119 -18.64 10.59 -1.27
C CYS A 119 -18.30 11.14 0.11
N SER A 120 -18.34 12.47 0.26
CA SER A 120 -18.01 13.06 1.55
C SER A 120 -18.99 12.65 2.63
N ASP A 121 -20.28 12.48 2.27
CA ASP A 121 -21.28 12.03 3.24
C ASP A 121 -21.02 10.60 3.68
N LEU A 122 -20.65 9.72 2.73
CA LEU A 122 -20.27 8.36 3.10
C LEU A 122 -19.12 8.38 4.11
N ASP A 123 -18.08 9.16 3.82
CA ASP A 123 -16.96 9.26 4.74
C ASP A 123 -17.35 9.85 6.09
N LYS A 124 -18.21 10.89 6.09
CA LYS A 124 -18.61 11.45 7.38
C LYS A 124 -19.30 10.39 8.24
N ALA A 125 -20.10 9.54 7.62
CA ALA A 125 -20.79 8.49 8.37
C ALA A 125 -19.83 7.40 8.81
N ALA A 126 -18.93 6.98 7.92
CA ALA A 126 -17.99 5.92 8.27
C ALA A 126 -16.99 6.38 9.33
N ARG A 127 -16.61 7.67 9.31
CA ARG A 127 -15.70 8.17 10.34
C ARG A 127 -16.39 8.22 11.69
N ALA A 128 -17.62 8.73 11.73
CA ALA A 128 -18.35 8.81 12.99
C ALA A 128 -18.62 7.42 13.54
N HIS A 129 -18.89 6.46 12.67
CA HIS A 129 -19.27 5.13 13.12
C HIS A 129 -18.09 4.33 13.66
N SER A 130 -16.98 4.30 12.91
CA SER A 130 -15.86 3.46 13.31
C SER A 130 -14.52 3.93 12.77
N GLY A 131 -14.38 5.23 12.50
CA GLY A 131 -13.09 5.75 12.08
C GLY A 131 -12.61 5.20 10.75
N GLN A 132 -13.51 5.05 9.80
CA GLN A 132 -13.19 4.52 8.47
C GLN A 132 -13.61 5.50 7.39
N GLU A 133 -13.14 5.23 6.16
CA GLU A 133 -13.42 6.12 5.03
C GLU A 133 -13.18 5.35 3.73
N LEU A 134 -13.59 5.94 2.61
CA LEU A 134 -13.32 5.34 1.31
C LEU A 134 -11.82 5.21 1.07
N ARG A 135 -11.44 4.15 0.34
CA ARG A 135 -10.04 4.04 -0.11
C ARG A 135 -9.69 5.17 -1.07
N MSE A 136 -10.62 5.56 -1.92
CA MSE A 136 -10.36 6.53 -2.97
C MSE A 136 -11.63 7.33 -3.28
O MSE A 136 -12.75 6.87 -3.04
CB MSE A 136 -9.84 5.85 -4.24
CG MSE A 136 -10.85 4.91 -4.89
SE MSE A 136 -10.12 4.02 -6.44
CE MSE A 136 -8.42 4.06 -5.94
N HIS A 137 -11.43 8.54 -3.80
CA HIS A 137 -12.57 9.37 -4.16
C HIS A 137 -12.11 10.40 -5.19
N PRO A 138 -13.01 10.90 -6.01
CA PRO A 138 -12.66 11.96 -6.96
C PRO A 138 -12.47 13.28 -6.23
N SER A 139 -11.81 14.23 -6.90
CA SER A 139 -11.64 15.54 -6.27
C SER A 139 -12.98 16.24 -6.05
N THR A 140 -14.04 15.81 -6.74
CA THR A 140 -15.42 16.24 -6.50
C THR A 140 -16.04 15.52 -5.30
N TYR A 141 -15.21 15.10 -4.36
CA TYR A 141 -15.58 14.53 -3.06
C TYR A 141 -16.89 15.03 -2.47
N HIS A 142 -17.04 16.35 -2.37
CA HIS A 142 -18.20 16.92 -1.66
C HIS A 142 -19.46 16.99 -2.50
N THR A 143 -19.41 16.62 -3.79
CA THR A 143 -20.57 16.71 -4.66
C THR A 143 -20.93 15.42 -5.38
N ALA A 144 -19.93 14.59 -5.68
CA ALA A 144 -20.13 13.42 -6.54
C ALA A 144 -20.71 12.23 -5.77
N THR A 145 -21.57 11.46 -6.43
CA THR A 145 -22.09 10.22 -5.85
C THR A 145 -21.13 9.05 -6.04
N VAL A 146 -21.23 8.09 -5.12
CA VAL A 146 -20.43 6.86 -5.23
C VAL A 146 -20.86 6.05 -6.44
N GLY A 147 -22.16 5.98 -6.71
CA GLY A 147 -22.63 5.27 -7.89
C GLY A 147 -22.12 5.88 -9.20
N GLY A 148 -22.14 7.21 -9.29
CA GLY A 148 -21.61 7.87 -10.48
C GLY A 148 -20.11 7.71 -10.61
N PHE A 149 -19.39 7.69 -9.47
CA PHE A 149 -17.95 7.40 -9.50
C PHE A 149 -17.68 6.04 -10.11
N ILE A 150 -18.47 5.03 -9.72
CA ILE A 150 -18.27 3.68 -10.23
C ILE A 150 -18.64 3.59 -11.71
N ALA A 151 -19.77 4.19 -12.11
CA ALA A 151 -20.25 4.05 -13.47
C ALA A 151 -19.58 5.01 -14.43
N GLY A 152 -19.03 6.13 -13.94
CA GLY A 152 -18.45 7.12 -14.83
C GLY A 152 -17.06 7.64 -14.50
N GLY A 153 -16.47 7.22 -13.39
CA GLY A 153 -15.18 7.73 -12.95
C GLY A 153 -14.12 6.65 -12.94
N SER A 154 -12.93 6.96 -12.40
CA SER A 154 -11.86 5.98 -12.49
C SER A 154 -10.96 5.90 -11.27
N GLY A 155 -10.80 6.96 -10.50
CA GLY A 155 -9.85 6.96 -9.40
C GLY A 155 -9.73 8.37 -8.88
N GLY A 156 -8.68 8.62 -8.11
CA GLY A 156 -8.48 9.96 -7.61
C GLY A 156 -7.62 9.99 -6.38
N ILE A 157 -8.05 10.82 -5.42
CA ILE A 157 -7.40 10.85 -4.12
C ILE A 157 -7.45 9.43 -3.57
N GLY A 158 -6.31 8.94 -3.09
CA GLY A 158 -6.19 7.57 -2.60
C GLY A 158 -5.69 6.56 -3.62
N SER A 159 -5.71 6.91 -4.91
CA SER A 159 -5.14 6.00 -5.91
C SER A 159 -3.66 5.75 -5.70
N ILE A 160 -2.96 6.68 -5.05
CA ILE A 160 -1.56 6.48 -4.65
C ILE A 160 -1.39 5.22 -3.81
N ASN A 161 -2.43 4.81 -3.08
CA ASN A 161 -2.37 3.63 -2.23
C ASN A 161 -3.02 2.42 -2.84
N TRP A 162 -4.08 2.60 -3.62
CA TRP A 162 -4.99 1.51 -3.94
C TRP A 162 -5.18 1.25 -5.43
N GLY A 163 -4.62 2.07 -6.30
CA GLY A 163 -4.84 1.91 -7.73
C GLY A 163 -6.12 2.60 -8.15
N GLY A 164 -6.97 1.90 -8.89
CA GLY A 164 -8.15 2.53 -9.44
C GLY A 164 -9.34 1.63 -9.32
N LEU A 165 -10.49 2.19 -9.72
CA LEU A 165 -11.70 1.36 -9.81
C LEU A 165 -11.55 0.26 -10.86
N ARG A 166 -10.56 0.36 -11.74
CA ARG A 166 -10.22 -0.70 -12.69
C ARG A 166 -9.71 -1.97 -12.01
N ASP A 167 -9.37 -1.93 -10.72
CA ASP A 167 -8.58 -3.01 -10.12
C ASP A 167 -9.43 -3.90 -9.21
N PHE A 168 -9.19 -5.21 -9.29
CA PHE A 168 -9.84 -6.16 -8.38
C PHE A 168 -9.75 -5.68 -6.94
N GLY A 169 -10.88 -5.73 -6.24
CA GLY A 169 -10.92 -5.48 -4.82
C GLY A 169 -11.35 -4.08 -4.42
N ASN A 170 -11.26 -3.10 -5.32
CA ASN A 170 -11.68 -1.76 -4.97
C ASN A 170 -13.19 -1.58 -4.98
N ILE A 171 -13.92 -2.53 -5.57
CA ILE A 171 -15.36 -2.67 -5.42
C ILE A 171 -15.61 -4.13 -5.09
N ILE A 172 -16.54 -4.39 -4.17
CA ILE A 172 -16.80 -5.75 -3.71
C ILE A 172 -18.01 -6.37 -4.41
N ARG A 173 -19.09 -5.60 -4.53
CA ARG A 173 -20.31 -6.12 -5.12
C ARG A 173 -21.11 -4.95 -5.67
N LEU A 174 -21.78 -5.18 -6.80
CA LEU A 174 -22.71 -4.21 -7.36
C LEU A 174 -24.03 -4.94 -7.58
N ARG A 175 -25.10 -4.42 -6.97
CA ARG A 175 -26.45 -4.85 -7.27
C ARG A 175 -26.97 -4.00 -8.41
N VAL A 176 -27.38 -4.65 -9.49
CA VAL A 176 -27.73 -3.98 -10.73
C VAL A 176 -29.12 -4.42 -11.17
N VAL A 177 -29.94 -3.47 -11.61
CA VAL A 177 -31.27 -3.75 -12.12
C VAL A 177 -31.25 -3.53 -13.62
N THR A 178 -31.76 -4.51 -14.37
CA THR A 178 -31.72 -4.44 -15.84
C THR A 178 -32.93 -3.73 -16.42
N MSE A 179 -32.80 -3.35 -17.69
CA MSE A 179 -33.90 -2.81 -18.45
C MSE A 179 -34.52 -3.90 -19.32
O MSE A 179 -34.26 -4.02 -20.51
CB MSE A 179 -33.45 -1.67 -19.35
CG MSE A 179 -34.59 -1.23 -20.25
SE MSE A 179 -35.74 -0.06 -19.26
CE MSE A 179 -34.33 1.30 -19.60
N GLU A 180 -35.33 -4.73 -18.69
CA GLU A 180 -36.03 -5.80 -19.36
C GLU A 180 -37.51 -5.63 -19.04
N GLN A 181 -38.35 -6.36 -19.79
CA GLN A 181 -39.79 -6.22 -19.61
C GLN A 181 -40.17 -6.41 -18.15
N GLU A 182 -39.59 -7.39 -17.50
CA GLU A 182 -39.61 -7.49 -16.05
C GLU A 182 -38.18 -7.23 -15.60
N PRO A 183 -37.87 -6.04 -15.08
CA PRO A 183 -36.48 -5.76 -14.69
C PRO A 183 -35.95 -6.82 -13.74
N GLN A 184 -34.71 -7.25 -13.99
CA GLN A 184 -34.08 -8.30 -13.21
C GLN A 184 -33.04 -7.71 -12.28
N VAL A 185 -32.92 -8.31 -11.10
CA VAL A 185 -31.93 -7.90 -10.12
C VAL A 185 -30.75 -8.84 -10.21
N LEU A 186 -29.56 -8.29 -10.45
CA LEU A 186 -28.34 -9.07 -10.53
C LEU A 186 -27.45 -8.66 -9.37
N GLU A 187 -26.89 -9.65 -8.67
CA GLU A 187 -25.86 -9.39 -7.66
C GLU A 187 -24.52 -9.76 -8.29
N LEU A 188 -23.75 -8.75 -8.69
CA LEU A 188 -22.50 -8.95 -9.43
C LEU A 188 -21.33 -8.91 -8.46
N THR A 189 -20.58 -10.01 -8.40
CA THR A 189 -19.36 -10.11 -7.61
C THR A 189 -18.24 -10.63 -8.49
N GLY A 190 -17.08 -10.87 -7.89
CA GLY A 190 -15.94 -11.41 -8.63
C GLY A 190 -15.62 -10.54 -9.83
N GLU A 191 -15.39 -11.19 -10.97
CA GLU A 191 -15.10 -10.41 -12.18
C GLU A 191 -16.35 -9.83 -12.82
N ASP A 192 -17.53 -10.34 -12.49
CA ASP A 192 -18.75 -9.92 -13.17
C ASP A 192 -19.04 -8.44 -12.95
N LEU A 193 -18.73 -7.92 -11.75
CA LEU A 193 -19.05 -6.52 -11.51
C LEU A 193 -18.24 -5.61 -12.41
N HIS A 194 -17.11 -6.08 -12.93
CA HIS A 194 -16.28 -5.24 -13.76
C HIS A 194 -16.85 -5.05 -15.16
N LYS A 195 -17.99 -5.66 -15.47
CA LYS A 195 -18.71 -5.33 -16.70
C LYS A 195 -19.39 -3.97 -16.58
N VAL A 196 -19.75 -3.57 -15.36
CA VAL A 196 -20.56 -2.38 -15.12
C VAL A 196 -19.68 -1.17 -14.79
N THR A 197 -18.47 -1.41 -14.30
CA THR A 197 -17.59 -0.31 -13.95
C THR A 197 -17.24 0.51 -15.19
N HIS A 198 -17.39 1.83 -15.09
CA HIS A 198 -17.08 2.74 -16.18
C HIS A 198 -17.85 2.38 -17.46
N ALA A 199 -19.06 1.84 -17.32
CA ALA A 199 -19.90 1.56 -18.47
C ALA A 199 -20.95 2.65 -18.71
N TYR A 200 -20.87 3.77 -17.99
CA TYR A 200 -21.74 4.93 -18.21
C TYR A 200 -23.22 4.58 -18.03
N GLY A 201 -23.54 3.58 -17.22
CA GLY A 201 -24.94 3.22 -17.05
C GLY A 201 -25.58 2.58 -18.26
N THR A 202 -24.80 2.12 -19.22
CA THR A 202 -25.36 1.56 -20.44
C THR A 202 -25.82 0.11 -20.30
N ASN A 203 -25.51 -0.55 -19.18
CA ASN A 203 -25.84 -1.97 -19.07
C ASN A 203 -26.51 -2.31 -17.74
N GLY A 204 -27.18 -1.34 -17.12
CA GLY A 204 -27.95 -1.57 -15.92
C GLY A 204 -27.77 -0.45 -14.91
N ILE A 205 -28.72 -0.36 -13.98
CA ILE A 205 -28.70 0.67 -12.94
C ILE A 205 -28.16 0.05 -11.66
N ILE A 206 -27.09 0.63 -11.13
CA ILE A 206 -26.56 0.21 -9.84
C ILE A 206 -27.53 0.69 -8.76
N THR A 207 -28.04 -0.24 -7.96
CA THR A 207 -28.97 0.12 -6.88
C THR A 207 -28.41 -0.12 -5.48
N GLU A 208 -27.30 -0.84 -5.36
CA GLU A 208 -26.61 -1.02 -4.10
C GLU A 208 -25.16 -1.32 -4.38
N ILE A 209 -24.27 -0.81 -3.53
CA ILE A 209 -22.83 -0.95 -3.69
C ILE A 209 -22.28 -1.52 -2.40
N GLU A 210 -21.36 -2.47 -2.51
CA GLU A 210 -20.53 -2.90 -1.40
C GLU A 210 -19.10 -2.57 -1.80
N MSE A 211 -18.45 -1.70 -1.04
CA MSE A 211 -17.09 -1.28 -1.39
C MSE A 211 -16.25 -1.47 -0.09
O MSE A 211 -16.77 -1.47 1.03
CB MSE A 211 -17.05 0.17 -2.03
CG MSE A 211 -17.24 0.53 -3.69
SE MSE A 211 -17.25 2.40 -3.29
CE MSE A 211 -15.67 2.79 -4.35
N PRO A 212 -14.95 -1.68 -0.23
CA PRO A 212 -14.10 -1.77 0.95
C PRO A 212 -13.99 -0.41 1.62
N LEU A 213 -13.59 -0.43 2.89
CA LEU A 213 -13.27 0.78 3.63
C LEU A 213 -11.83 0.73 4.10
N ALA A 214 -11.28 1.90 4.33
CA ALA A 214 -9.90 2.12 4.74
C ALA A 214 -9.90 2.93 6.03
N PRO A 215 -8.79 2.93 6.76
CA PRO A 215 -8.74 3.67 8.02
C PRO A 215 -8.76 5.19 7.80
N ALA A 216 -9.55 5.87 8.61
CA ALA A 216 -9.54 7.32 8.59
C ALA A 216 -8.41 7.82 9.49
N TYR A 217 -7.49 8.56 8.91
CA TYR A 217 -6.40 9.16 9.65
C TYR A 217 -6.52 10.68 9.60
N ASP A 218 -5.70 11.32 10.41
CA ASP A 218 -5.55 12.77 10.37
C ASP A 218 -4.66 13.09 9.18
N TRP A 219 -5.25 13.41 8.04
CA TRP A 219 -4.47 13.66 6.83
C TRP A 219 -3.98 15.10 6.81
N ILE A 220 -2.66 15.27 6.72
CA ILE A 220 -2.01 16.58 6.78
C ILE A 220 -1.74 17.05 5.36
N ASP A 221 -2.27 18.23 5.02
CA ASP A 221 -1.95 18.87 3.75
C ASP A 221 -0.55 19.50 3.83
N ALA A 222 0.26 19.27 2.80
CA ALA A 222 1.51 20.00 2.68
C ALA A 222 1.80 20.28 1.22
N MSE A 223 2.42 21.43 0.96
CA MSE A 223 2.92 21.75 -0.37
C MSE A 223 4.43 21.82 -0.34
O MSE A 223 5.02 22.35 0.60
CB MSE A 223 2.35 23.08 -0.88
CG MSE A 223 0.87 23.01 -1.24
SE MSE A 223 0.41 24.46 -2.46
CE MSE A 223 0.65 25.60 -1.29
N VAL A 224 5.06 21.27 -1.38
CA VAL A 224 6.52 21.27 -1.51
C VAL A 224 6.84 22.03 -2.79
N GLY A 225 7.71 23.03 -2.69
CA GLY A 225 7.96 23.96 -3.78
C GLY A 225 9.28 23.69 -4.47
N PHE A 226 9.30 23.90 -5.80
CA PHE A 226 10.45 23.63 -6.65
C PHE A 226 10.60 24.71 -7.70
N ASP A 227 11.84 24.90 -8.16
CA ASP A 227 12.15 25.89 -9.18
C ASP A 227 12.03 25.35 -10.60
N SER A 228 11.73 24.07 -10.77
CA SER A 228 11.49 23.52 -12.09
C SER A 228 10.47 22.41 -11.98
N PHE A 229 9.78 22.15 -13.09
CA PHE A 229 8.84 21.02 -13.14
C PHE A 229 9.57 19.68 -12.95
N ASP A 230 10.71 19.50 -13.61
CA ASP A 230 11.37 18.20 -13.56
C ASP A 230 11.83 17.86 -12.15
N THR A 231 12.33 18.84 -11.40
CA THR A 231 12.73 18.55 -10.03
C THR A 231 11.53 18.24 -9.15
N ALA A 232 10.39 18.93 -9.37
CA ALA A 232 9.18 18.59 -8.64
C ALA A 232 8.72 17.16 -8.97
N ALA A 233 8.78 16.78 -10.24
CA ALA A 233 8.32 15.45 -10.61
C ALA A 233 9.22 14.38 -10.01
N ALA A 234 10.53 14.64 -9.98
CA ALA A 234 11.45 13.66 -9.42
C ALA A 234 11.23 13.49 -7.93
N TYR A 235 11.01 14.59 -7.21
CA TYR A 235 10.70 14.48 -5.79
C TYR A 235 9.41 13.70 -5.57
N ALA A 236 8.37 14.02 -6.36
CA ALA A 236 7.08 13.38 -6.13
C ALA A 236 7.15 11.89 -6.40
N ASN A 237 7.88 11.51 -7.46
CA ASN A 237 8.09 10.09 -7.73
C ASN A 237 8.79 9.42 -6.55
N ALA A 238 9.83 10.07 -6.01
CA ALA A 238 10.54 9.49 -4.87
C ALA A 238 9.65 9.38 -3.64
N LEU A 239 8.85 10.42 -3.37
CA LEU A 239 7.97 10.36 -2.19
C LEU A 239 6.94 9.24 -2.35
N ALA A 240 6.41 9.09 -3.57
CA ALA A 240 5.41 8.05 -3.82
C ALA A 240 5.98 6.66 -3.58
N ARG A 241 7.31 6.49 -3.74
CA ARG A 241 7.99 5.21 -3.57
C ARG A 241 8.44 4.95 -2.14
N GLN A 242 8.12 5.84 -1.19
CA GLN A 242 8.45 5.62 0.22
C GLN A 242 7.37 4.76 0.84
N ASP A 243 7.62 3.46 0.93
CA ASP A 243 6.59 2.49 1.30
C ASP A 243 6.09 2.65 2.74
N GLY A 244 6.90 3.26 3.61
CA GLY A 244 6.48 3.47 4.98
C GLY A 244 5.89 4.84 5.28
N ILE A 245 5.92 5.75 4.33
CA ILE A 245 5.34 7.09 4.49
C ILE A 245 3.96 7.06 3.87
N LEU A 246 2.91 7.00 4.71
CA LEU A 246 1.56 6.82 4.19
C LEU A 246 1.02 8.17 3.68
N THR A 247 0.70 8.23 2.39
CA THR A 247 0.11 9.41 1.79
C THR A 247 -1.23 9.03 1.16
N LYS A 248 -2.05 10.06 0.92
CA LYS A 248 -3.31 9.91 0.21
C LYS A 248 -3.35 10.65 -1.12
N LEU A 249 -2.34 11.47 -1.41
CA LEU A 249 -2.29 12.31 -2.60
C LEU A 249 -0.85 12.72 -2.80
N VAL A 250 -0.35 12.55 -4.04
CA VAL A 250 0.94 13.06 -4.45
C VAL A 250 0.76 13.61 -5.86
N SER A 251 0.64 14.94 -5.98
CA SER A 251 0.32 15.61 -7.23
C SER A 251 1.47 16.54 -7.58
N VAL A 252 1.69 16.75 -8.88
CA VAL A 252 2.68 17.73 -9.34
C VAL A 252 1.97 18.73 -10.25
N VAL A 253 2.08 20.02 -9.93
CA VAL A 253 1.46 21.07 -10.74
C VAL A 253 2.56 22.04 -11.15
N ALA A 254 2.81 22.11 -12.45
CA ALA A 254 3.91 22.91 -12.97
C ALA A 254 3.56 24.41 -12.97
N ALA A 255 4.56 25.23 -12.67
CA ALA A 255 4.47 26.66 -12.92
C ALA A 255 4.08 26.86 -14.38
N PRO A 256 3.26 27.88 -14.70
CA PRO A 256 2.80 28.93 -13.79
C PRO A 256 1.44 28.65 -13.14
N CYS A 257 0.93 27.42 -13.19
CA CYS A 257 -0.41 27.16 -12.67
C CYS A 257 -0.57 27.49 -11.20
N PRO A 258 0.32 27.07 -10.29
CA PRO A 258 0.08 27.38 -8.87
C PRO A 258 0.01 28.89 -8.60
N PHE A 259 1.00 29.66 -9.06
CA PHE A 259 0.99 31.07 -8.72
C PHE A 259 -0.16 31.80 -9.38
N ASP A 260 -0.52 31.38 -10.60
CA ASP A 260 -1.56 32.09 -11.33
C ASP A 260 -2.97 31.73 -10.85
N TYR A 261 -3.19 30.47 -10.48
CA TYR A 261 -4.55 29.98 -10.30
C TYR A 261 -4.88 29.43 -8.93
N PHE A 262 -3.88 29.17 -8.07
CA PHE A 262 -4.17 28.73 -6.70
C PHE A 262 -4.20 29.99 -5.85
N LYS A 263 -5.33 30.70 -5.91
CA LYS A 263 -5.37 32.08 -5.41
C LYS A 263 -5.40 32.12 -3.88
N ARG A 264 -6.17 31.23 -3.26
CA ARG A 264 -6.28 31.28 -1.81
C ARG A 264 -4.97 30.91 -1.13
N HIS A 265 -4.13 30.12 -1.78
CA HIS A 265 -2.83 29.75 -1.22
C HIS A 265 -1.69 30.65 -1.67
N GLN A 266 -2.00 31.78 -2.32
CA GLN A 266 -0.97 32.59 -2.96
C GLN A 266 0.14 33.03 -2.00
N LYS A 267 -0.21 33.31 -0.73
CA LYS A 267 0.83 33.79 0.18
C LYS A 267 1.93 32.76 0.39
N PHE A 268 1.66 31.48 0.13
CA PHE A 268 2.65 30.43 0.33
C PHE A 268 3.47 30.15 -0.92
N LEU A 269 3.13 30.80 -2.03
CA LEU A 269 3.69 30.50 -3.33
C LEU A 269 4.51 31.67 -3.84
N LYS A 270 5.32 31.40 -4.85
CA LYS A 270 6.04 32.47 -5.52
C LYS A 270 6.04 32.21 -7.02
N GLU A 271 6.22 33.31 -7.76
CA GLU A 271 6.27 33.23 -9.21
C GLU A 271 7.40 32.29 -9.64
N GLY A 272 7.09 31.44 -10.62
CA GLY A 272 8.04 30.51 -11.16
C GLY A 272 8.07 29.16 -10.48
N GLN A 273 7.32 28.98 -9.40
CA GLN A 273 7.44 27.80 -8.56
C GLN A 273 6.45 26.72 -8.98
N SER A 274 6.95 25.51 -9.21
CA SER A 274 6.11 24.35 -9.35
C SER A 274 5.89 23.74 -7.97
N VAL A 275 4.77 23.03 -7.80
CA VAL A 275 4.44 22.51 -6.49
C VAL A 275 4.09 21.03 -6.55
N VAL A 276 4.41 20.34 -5.46
CA VAL A 276 3.93 19.00 -5.19
C VAL A 276 2.91 19.11 -4.06
N LEU A 277 1.70 18.62 -4.33
CA LEU A 277 0.61 18.60 -3.36
C LEU A 277 0.66 17.24 -2.65
N VAL A 278 0.67 17.27 -1.32
CA VAL A 278 0.82 16.06 -0.53
C VAL A 278 -0.29 16.02 0.52
N MSE A 279 -0.89 14.85 0.69
CA MSE A 279 -1.66 14.55 1.91
C MSE A 279 -0.91 13.43 2.62
O MSE A 279 -0.78 12.35 2.05
CB MSE A 279 -3.04 14.06 1.56
CG MSE A 279 -3.95 15.16 1.02
SE MSE A 279 -5.68 14.50 0.42
CE MSE A 279 -6.41 14.02 2.16
N VAL A 280 -0.41 13.66 3.83
CA VAL A 280 0.38 12.68 4.55
C VAL A 280 -0.31 12.37 5.88
N ALA A 281 -0.42 11.08 6.21
CA ALA A 281 -1.03 10.71 7.48
C ALA A 281 -0.21 11.26 8.65
N ALA A 282 -0.89 11.68 9.72
CA ALA A 282 -0.18 12.28 10.86
C ALA A 282 0.94 11.38 11.36
N GLN A 283 0.70 10.05 11.40
CA GLN A 283 1.71 9.14 11.93
C GLN A 283 2.93 9.01 11.00
N SER A 284 2.84 9.55 9.79
CA SER A 284 3.96 9.56 8.85
C SER A 284 4.53 10.95 8.61
N HIS A 285 3.99 11.98 9.29
CA HIS A 285 4.33 13.35 8.94
C HIS A 285 5.78 13.69 9.31
N ASP A 286 6.25 13.23 10.47
CA ASP A 286 7.63 13.50 10.85
C ASP A 286 8.60 12.82 9.88
N ALA A 287 8.27 11.59 9.45
CA ALA A 287 9.11 10.90 8.47
C ALA A 287 9.09 11.61 7.14
N PHE A 288 7.92 12.14 6.74
CA PHE A 288 7.81 12.94 5.54
C PHE A 288 8.72 14.17 5.60
N LYS A 289 8.78 14.85 6.75
CA LYS A 289 9.68 15.99 6.87
C LYS A 289 11.13 15.57 6.75
N ALA A 290 11.50 14.45 7.38
CA ALA A 290 12.90 14.01 7.34
C ALA A 290 13.28 13.57 5.93
N PHE A 291 12.39 12.87 5.24
CA PHE A 291 12.65 12.48 3.86
C PHE A 291 12.79 13.72 2.99
N SER A 292 11.91 14.70 3.20
CA SER A 292 11.94 15.90 2.37
C SER A 292 13.22 16.68 2.57
N ALA A 293 13.71 16.75 3.81
CA ALA A 293 14.98 17.43 4.06
C ALA A 293 16.14 16.75 3.35
N ARG A 294 16.09 15.42 3.22
CA ARG A 294 17.15 14.66 2.56
C ARG A 294 16.97 14.60 1.04
N SER A 295 15.86 15.10 0.51
CA SER A 295 15.51 14.92 -0.90
C SER A 295 15.33 16.24 -1.64
N GLY A 296 15.84 17.35 -1.11
CA GLY A 296 15.71 18.62 -1.79
C GLY A 296 14.29 19.14 -1.90
N GLY A 297 13.44 18.83 -0.93
CA GLY A 297 12.07 19.29 -0.99
C GLY A 297 11.74 20.35 0.05
N GLU A 298 11.64 21.62 -0.37
CA GLU A 298 11.27 22.71 0.55
C GLU A 298 9.77 22.74 0.80
N ILE A 299 9.38 22.56 2.05
CA ILE A 299 7.97 22.58 2.44
C ILE A 299 7.53 24.03 2.56
N ILE A 300 6.62 24.46 1.68
CA ILE A 300 6.18 25.85 1.64
C ILE A 300 4.82 26.05 2.30
N PHE A 301 4.09 24.97 2.58
CA PHE A 301 2.83 25.05 3.30
C PHE A 301 2.68 23.73 4.04
N ASP A 302 2.27 23.79 5.31
CA ASP A 302 2.11 22.59 6.11
C ASP A 302 0.97 22.85 7.07
N ALA A 303 -0.09 22.05 6.99
CA ALA A 303 -1.25 22.30 7.83
C ALA A 303 -0.93 22.22 9.32
N THR A 304 0.13 21.53 9.71
CA THR A 304 0.46 21.46 11.13
C THR A 304 1.06 22.75 11.66
N THR A 305 1.56 23.63 10.78
CA THR A 305 2.17 24.88 11.22
C THR A 305 1.40 26.11 10.77
N ALA A 306 0.47 25.98 9.82
CA ALA A 306 -0.19 27.14 9.24
C ALA A 306 -1.22 27.78 10.16
N GLY A 307 -1.70 27.06 11.16
CA GLY A 307 -2.77 27.59 12.00
C GLY A 307 -4.14 27.17 11.49
N ASP A 308 -5.16 27.52 12.28
CA ASP A 308 -6.55 27.21 11.95
C ASP A 308 -7.06 28.29 11.01
N LEU A 309 -6.78 28.12 9.73
CA LEU A 309 -7.08 29.10 8.69
C LEU A 309 -8.39 28.74 8.01
N LYS A 310 -9.34 29.66 8.03
CA LYS A 310 -10.59 29.52 7.31
C LYS A 310 -10.44 30.05 5.89
N GLY A 311 -11.31 29.56 5.00
CA GLY A 311 -11.29 30.03 3.63
C GLY A 311 -10.22 29.42 2.75
N LEU A 312 -9.41 28.47 3.27
CA LEU A 312 -8.44 27.77 2.44
C LEU A 312 -9.05 26.45 1.97
N PRO A 313 -9.04 26.16 0.66
CA PRO A 313 -9.53 24.86 0.22
C PRO A 313 -8.56 23.77 0.67
N PRO A 314 -9.06 22.56 0.89
CA PRO A 314 -8.15 21.42 1.03
C PRO A 314 -7.33 21.27 -0.24
N LEU A 315 -6.10 20.79 -0.08
CA LEU A 315 -5.22 20.66 -1.25
C LEU A 315 -5.81 19.75 -2.31
N PHE A 316 -6.65 18.77 -1.92
CA PHE A 316 -7.21 17.93 -2.97
C PHE A 316 -8.15 18.70 -3.89
N GLU A 317 -8.72 19.83 -3.44
CA GLU A 317 -9.48 20.69 -4.33
C GLU A 317 -8.60 21.59 -5.19
N LEU A 318 -7.30 21.33 -5.20
CA LEU A 318 -6.38 21.91 -6.18
C LEU A 318 -5.77 20.83 -7.06
N SER A 319 -6.24 19.59 -6.96
CA SER A 319 -5.62 18.43 -7.58
C SER A 319 -6.62 17.77 -8.54
N TRP A 320 -6.16 16.74 -9.26
CA TRP A 320 -7.04 16.05 -10.20
C TRP A 320 -7.73 17.07 -11.11
N ASN A 321 -9.00 16.87 -11.48
CA ASN A 321 -9.56 17.87 -12.37
C ASN A 321 -9.99 19.14 -11.67
N HIS A 322 -9.83 19.23 -10.33
CA HIS A 322 -9.95 20.55 -9.69
C HIS A 322 -8.83 21.49 -10.11
N THR A 323 -7.66 20.96 -10.48
CA THR A 323 -6.64 21.84 -11.06
C THR A 323 -7.18 22.53 -12.29
N THR A 324 -7.87 21.76 -13.15
CA THR A 324 -8.47 22.29 -14.36
C THR A 324 -9.57 23.30 -14.03
N LEU A 325 -10.42 22.99 -13.05
CA LEU A 325 -11.45 23.92 -12.60
C LEU A 325 -10.82 25.28 -12.26
N ARG A 326 -9.72 25.26 -11.51
CA ARG A 326 -9.12 26.51 -11.05
C ARG A 326 -8.58 27.31 -12.23
N ALA A 327 -7.93 26.64 -13.17
CA ALA A 327 -7.38 27.34 -14.33
C ALA A 327 -8.48 27.96 -15.18
N LEU A 328 -9.50 27.18 -15.54
CA LEU A 328 -10.50 27.73 -16.42
C LEU A 328 -11.42 28.73 -15.73
N ARG A 329 -11.50 28.71 -14.40
CA ARG A 329 -12.23 29.76 -13.70
C ARG A 329 -11.63 31.13 -13.97
N VAL A 330 -10.31 31.20 -14.02
CA VAL A 330 -9.60 32.46 -14.27
C VAL A 330 -9.46 32.74 -15.77
N ASP A 331 -9.06 31.73 -16.55
CA ASP A 331 -8.94 31.88 -17.99
C ASP A 331 -9.73 30.76 -18.66
N PRO A 332 -10.93 31.06 -19.17
CA PRO A 332 -11.78 30.00 -19.73
C PRO A 332 -11.22 29.30 -20.96
N ALA A 333 -10.11 29.78 -21.53
CA ALA A 333 -9.53 29.11 -22.69
C ALA A 333 -8.78 27.83 -22.34
N TRP A 334 -8.50 27.55 -21.06
CA TRP A 334 -7.81 26.31 -20.71
C TRP A 334 -8.75 25.12 -20.84
N THR A 335 -8.25 24.05 -21.45
CA THR A 335 -8.88 22.74 -21.33
C THR A 335 -7.81 21.74 -20.85
N TYR A 336 -8.03 20.43 -21.04
CA TYR A 336 -7.12 19.45 -20.46
C TYR A 336 -7.02 18.22 -21.35
N LEU A 337 -5.98 17.42 -21.11
CA LEU A 337 -5.84 16.07 -21.65
C LEU A 337 -5.85 15.08 -20.50
N GLN A 338 -5.97 13.80 -20.85
CA GLN A 338 -5.75 12.69 -19.91
C GLN A 338 -4.68 11.80 -20.51
N VAL A 339 -3.61 11.55 -19.74
CA VAL A 339 -2.40 10.90 -20.25
C VAL A 339 -1.94 9.84 -19.26
N LEU A 340 -1.36 8.76 -19.79
CA LEU A 340 -0.56 7.84 -18.99
C LEU A 340 0.89 7.96 -19.42
N TYR A 341 1.80 7.99 -18.44
CA TYR A 341 3.23 7.94 -18.72
C TYR A 341 3.74 6.58 -18.24
N PRO A 342 3.87 5.59 -19.12
CA PRO A 342 4.05 4.21 -18.64
C PRO A 342 5.35 3.97 -17.88
N PHE A 343 5.21 3.24 -16.78
CA PHE A 343 6.36 2.80 -16.03
C PHE A 343 7.29 1.97 -16.92
N PRO A 344 8.62 2.09 -16.77
CA PRO A 344 9.36 2.85 -15.77
C PRO A 344 9.88 4.19 -16.27
N ASN A 345 9.34 4.68 -17.39
CA ASN A 345 9.91 5.83 -18.09
C ASN A 345 9.17 7.13 -17.83
N GLN A 346 8.39 7.21 -16.76
CA GLN A 346 7.51 8.35 -16.55
C GLN A 346 8.28 9.66 -16.40
N LEU A 347 9.44 9.67 -15.76
CA LEU A 347 10.15 10.94 -15.60
C LEU A 347 10.67 11.43 -16.95
N GLU A 348 11.28 10.55 -17.74
CA GLU A 348 11.72 10.90 -19.09
C GLU A 348 10.55 11.40 -19.93
N LEU A 349 9.43 10.67 -19.88
CA LEU A 349 8.30 11.00 -20.75
C LEU A 349 7.62 12.30 -20.34
N THR A 350 7.39 12.52 -19.03
CA THR A 350 6.75 13.76 -18.62
C THR A 350 7.62 14.96 -18.98
N ALA A 351 8.93 14.83 -18.85
CA ALA A 351 9.82 15.93 -19.23
C ALA A 351 9.78 16.19 -20.73
N LYS A 352 9.79 15.13 -21.53
CA LYS A 352 9.75 15.30 -22.98
C LYS A 352 8.49 16.01 -23.44
N MSE A 353 7.33 15.65 -22.87
CA MSE A 353 6.09 16.35 -23.22
C MSE A 353 6.06 17.79 -22.73
O MSE A 353 5.59 18.69 -23.42
CB MSE A 353 4.87 15.58 -22.70
CG MSE A 353 4.70 14.20 -23.33
SE MSE A 353 4.46 14.24 -25.27
CE MSE A 353 6.30 13.99 -25.76
N ASP A 354 6.58 18.01 -21.51
CA ASP A 354 6.64 19.36 -20.96
C ASP A 354 7.42 20.29 -21.88
N ARG A 355 8.54 19.80 -22.42
CA ARG A 355 9.39 20.61 -23.26
C ARG A 355 8.87 20.73 -24.69
N MSE A 356 8.06 19.77 -25.13
CA MSE A 356 7.57 19.77 -26.50
C MSE A 356 6.47 20.81 -26.69
O MSE A 356 6.27 21.32 -27.80
CB MSE A 356 7.06 18.38 -26.86
CG MSE A 356 6.59 18.27 -28.32
SE MSE A 356 6.17 16.44 -28.87
CE MSE A 356 7.92 15.64 -28.77
N PHE A 357 5.78 21.15 -25.60
CA PHE A 357 4.63 22.07 -25.66
C PHE A 357 4.80 23.24 -24.70
N PRO A 358 5.82 24.09 -24.93
CA PRO A 358 6.03 25.24 -24.05
C PRO A 358 4.89 26.25 -24.17
N GLY A 359 4.50 26.82 -23.03
CA GLY A 359 3.47 27.88 -22.98
C GLY A 359 2.05 27.43 -23.22
N GLU A 360 1.84 26.60 -24.25
CA GLU A 360 0.54 26.12 -24.64
C GLU A 360 0.03 25.02 -23.73
N LEU A 361 0.93 24.34 -23.02
CA LEU A 361 0.58 23.26 -22.13
C LEU A 361 1.23 23.52 -20.79
N ILE A 362 0.50 23.24 -19.71
CA ILE A 362 1.05 23.28 -18.35
C ILE A 362 0.93 21.88 -17.78
N SER A 363 2.06 21.30 -17.39
CA SER A 363 2.07 19.93 -16.92
C SER A 363 1.38 19.79 -15.57
N HIS A 364 0.72 18.65 -15.40
CA HIS A 364 0.07 18.29 -14.15
C HIS A 364 0.07 16.77 -14.07
N LEU A 365 0.72 16.25 -13.02
CA LEU A 365 0.85 14.82 -12.79
C LEU A 365 0.09 14.44 -11.53
N GLU A 366 -0.43 13.21 -11.53
CA GLU A 366 -0.94 12.57 -10.33
C GLU A 366 -0.25 11.22 -10.19
N PHE A 367 0.46 11.03 -9.08
CA PHE A 367 1.11 9.75 -8.84
C PHE A 367 0.12 8.76 -8.24
N VAL A 368 0.18 7.52 -8.74
CA VAL A 368 -0.78 6.48 -8.41
C VAL A 368 -0.07 5.13 -8.47
N ARG A 369 -0.70 4.12 -7.87
CA ARG A 369 -0.35 2.74 -8.18
C ARG A 369 -1.12 2.31 -9.42
N PHE A 370 -0.41 1.67 -10.34
CA PHE A 370 -1.00 1.26 -11.63
C PHE A 370 -0.37 -0.07 -12.01
N ASP A 371 -1.18 -1.13 -12.02
CA ASP A 371 -0.71 -2.48 -12.35
C ASP A 371 0.44 -2.92 -11.46
N GLY A 372 0.47 -2.43 -10.22
CA GLY A 372 1.48 -2.84 -9.29
C GLY A 372 2.74 -1.99 -9.29
N ASP A 373 2.88 -1.05 -10.22
CA ASP A 373 3.98 -0.10 -10.22
C ASP A 373 3.48 1.25 -9.75
N ILE A 374 4.39 2.06 -9.24
CA ILE A 374 4.13 3.46 -8.99
C ILE A 374 4.50 4.25 -10.23
N THR A 375 3.53 4.98 -10.79
CA THR A 375 3.80 5.86 -11.92
C THR A 375 2.86 7.04 -11.82
N CYS A 376 2.75 7.83 -12.89
CA CYS A 376 1.85 8.97 -12.86
C CYS A 376 0.96 9.01 -14.08
N PHE A 377 -0.24 9.51 -13.85
CA PHE A 377 -1.12 9.95 -14.91
C PHE A 377 -0.96 11.44 -15.09
N GLY A 378 -1.41 11.93 -16.23
CA GLY A 378 -1.33 13.34 -16.57
C GLY A 378 -2.70 13.94 -16.81
N LEU A 379 -2.88 15.15 -16.28
CA LEU A 379 -4.01 16.01 -16.63
C LEU A 379 -3.45 17.36 -17.08
N PRO A 380 -2.57 17.38 -18.08
CA PRO A 380 -1.98 18.66 -18.48
C PRO A 380 -3.04 19.62 -18.97
N LEU A 381 -2.88 20.89 -18.59
CA LEU A 381 -3.71 21.97 -19.11
C LEU A 381 -3.23 22.32 -20.51
N VAL A 382 -4.17 22.57 -21.42
CA VAL A 382 -3.86 22.94 -22.80
C VAL A 382 -4.67 24.18 -23.13
N LYS A 383 -3.98 25.20 -23.64
CA LYS A 383 -4.63 26.45 -24.03
C LYS A 383 -5.33 26.19 -25.37
N PHE A 384 -6.66 26.23 -25.35
CA PHE A 384 -7.40 25.90 -26.56
C PHE A 384 -7.23 26.97 -27.61
N THR A 385 -6.89 26.54 -28.83
CA THR A 385 -6.88 27.42 -29.99
C THR A 385 -7.86 26.89 -31.02
N THR A 386 -7.59 25.75 -31.65
CA THR A 386 -8.46 25.15 -32.64
C THR A 386 -8.64 23.68 -32.31
N ASP A 387 -9.74 23.10 -32.79
CA ASP A 387 -9.97 21.67 -32.65
C ASP A 387 -8.82 20.87 -33.24
N GLU A 388 -8.31 21.33 -34.39
CA GLU A 388 -7.26 20.59 -35.08
C GLU A 388 -5.96 20.58 -34.27
N ARG A 389 -5.62 21.70 -33.65
CA ARG A 389 -4.40 21.72 -32.84
C ARG A 389 -4.54 20.82 -31.61
N LEU A 390 -5.73 20.81 -31.00
CA LEU A 390 -5.96 19.95 -29.84
C LEU A 390 -5.81 18.48 -30.21
N GLU A 391 -6.44 18.07 -31.33
CA GLU A 391 -6.25 16.70 -31.79
C GLU A 391 -4.78 16.40 -32.06
N GLU A 392 -4.07 17.36 -32.65
CA GLU A 392 -2.67 17.16 -32.97
C GLU A 392 -1.82 16.95 -31.71
N ILE A 393 -2.08 17.73 -30.66
CA ILE A 393 -1.33 17.56 -29.42
C ILE A 393 -1.53 16.15 -28.87
N MSE A 394 -2.77 15.65 -28.93
CA MSE A 394 -3.01 14.29 -28.49
C MSE A 394 -2.34 13.25 -29.39
O MSE A 394 -1.73 12.29 -28.89
CB MSE A 394 -4.52 14.03 -28.38
CG MSE A 394 -5.13 14.78 -27.21
SE MSE A 394 -7.01 14.40 -26.91
CE MSE A 394 -7.77 15.38 -28.41
N ASP A 395 -2.41 13.45 -30.71
CA ASP A 395 -1.71 12.54 -31.63
C ASP A 395 -0.22 12.48 -31.30
N LEU A 396 0.37 13.63 -30.98
CA LEU A 396 1.80 13.65 -30.69
C LEU A 396 2.11 12.98 -29.35
N HIS A 397 1.24 13.11 -28.35
CA HIS A 397 1.46 12.34 -27.12
C HIS A 397 1.48 10.84 -27.44
N ASN A 398 0.47 10.36 -28.16
CA ASN A 398 0.42 8.94 -28.50
C ASN A 398 1.66 8.51 -29.26
N ALA A 399 2.13 9.33 -30.21
CA ALA A 399 3.28 8.97 -31.02
C ALA A 399 4.60 9.05 -30.26
N ASN A 400 4.61 9.61 -29.06
CA ASN A 400 5.80 9.75 -28.25
C ASN A 400 5.73 8.92 -26.97
N GLY A 401 4.91 7.87 -26.97
CA GLY A 401 4.91 6.91 -25.88
C GLY A 401 4.04 7.26 -24.70
N CYS A 402 3.12 8.23 -24.85
CA CYS A 402 2.27 8.70 -23.75
C CYS A 402 0.81 8.50 -24.13
N PRO A 403 0.22 7.33 -23.83
CA PRO A 403 -1.16 7.05 -24.25
C PRO A 403 -2.15 8.09 -23.75
N ILE A 404 -3.06 8.48 -24.66
CA ILE A 404 -4.12 9.45 -24.39
C ILE A 404 -5.45 8.73 -24.19
N PHE A 405 -6.18 9.15 -23.15
CA PHE A 405 -7.58 8.78 -22.96
C PHE A 405 -8.36 10.05 -23.26
N ASN A 406 -8.91 10.12 -24.46
CA ASN A 406 -9.36 11.40 -25.01
C ASN A 406 -10.60 11.91 -24.27
N PRO A 407 -10.50 13.01 -23.52
CA PRO A 407 -11.67 13.53 -22.80
C PRO A 407 -12.56 14.42 -23.64
N HIS A 408 -12.23 14.59 -24.92
CA HIS A 408 -13.02 15.40 -25.84
C HIS A 408 -13.93 14.52 -26.68
N ARG A 409 -14.42 13.45 -26.08
CA ARG A 409 -15.31 12.51 -26.72
C ARG A 409 -16.34 12.11 -25.68
N TYR A 410 -17.53 11.70 -26.13
CA TYR A 410 -18.59 11.31 -25.22
C TYR A 410 -18.97 9.84 -25.33
N THR A 411 -18.28 9.05 -26.14
CA THR A 411 -18.57 7.62 -26.20
C THR A 411 -17.56 6.83 -25.37
N LEU A 412 -17.98 5.65 -24.95
CA LEU A 412 -17.10 4.76 -24.20
C LEU A 412 -15.83 4.47 -24.98
N GLU A 413 -15.97 4.03 -26.23
CA GLU A 413 -14.80 3.54 -26.94
C GLU A 413 -13.85 4.69 -27.29
N GLU A 414 -14.40 5.84 -27.68
CA GLU A 414 -13.52 6.93 -28.10
C GLU A 414 -12.81 7.60 -26.93
N GLY A 415 -13.35 7.45 -25.72
CA GLY A 415 -12.68 7.98 -24.53
C GLY A 415 -11.50 7.16 -24.03
N GLY A 416 -11.29 5.96 -24.57
CA GLY A 416 -10.08 5.20 -24.34
C GLY A 416 -10.03 4.43 -23.05
N MSE A 417 -11.06 4.50 -22.22
CA MSE A 417 -11.02 3.84 -20.93
C MSE A 417 -11.73 2.49 -20.94
O MSE A 417 -11.12 1.47 -20.65
CB MSE A 417 -11.54 4.77 -19.83
CG MSE A 417 -10.65 5.99 -19.62
SE MSE A 417 -11.16 7.02 -18.08
CE MSE A 417 -9.62 8.21 -18.04
N LYS A 418 -13.01 2.48 -21.35
CA LYS A 418 -13.80 1.24 -21.28
C LYS A 418 -13.77 0.53 -22.62
N GLN A 419 -12.97 -0.53 -22.70
CA GLN A 419 -12.88 -1.31 -23.91
C GLN A 419 -14.18 -2.07 -24.18
N THR A 420 -14.63 -2.05 -25.43
CA THR A 420 -15.70 -2.94 -25.87
C THR A 420 -15.08 -4.26 -26.32
N ASP A 421 -15.56 -5.36 -25.75
CA ASP A 421 -15.25 -6.69 -26.26
C ASP A 421 -16.55 -7.46 -26.38
N GLU A 422 -16.45 -8.70 -26.86
CA GLU A 422 -17.66 -9.51 -27.06
C GLU A 422 -18.45 -9.68 -25.76
N ILE A 423 -17.76 -9.71 -24.62
CA ILE A 423 -18.43 -9.84 -23.34
C ILE A 423 -19.25 -8.59 -23.02
N GLN A 424 -18.65 -7.41 -23.22
CA GLN A 424 -19.39 -6.17 -22.97
C GLN A 424 -20.60 -6.06 -23.88
N LEU A 425 -20.45 -6.43 -25.16
CA LEU A 425 -21.58 -6.33 -26.08
C LEU A 425 -22.69 -7.29 -25.67
N ALA A 426 -22.32 -8.53 -25.31
CA ALA A 426 -23.32 -9.50 -24.92
C ALA A 426 -24.06 -9.07 -23.66
N PHE A 427 -23.35 -8.42 -22.73
CA PHE A 427 -24.01 -8.03 -21.48
C PHE A 427 -25.05 -6.93 -21.70
N LYS A 428 -24.75 -5.95 -22.56
CA LYS A 428 -25.76 -4.94 -22.87
C LYS A 428 -26.96 -5.57 -23.58
N ARG A 429 -26.72 -6.56 -24.44
CA ARG A 429 -27.84 -7.24 -25.08
C ARG A 429 -28.70 -7.96 -24.07
N GLU A 430 -28.09 -8.48 -23.00
CA GLU A 430 -28.83 -9.15 -21.94
C GLU A 430 -29.57 -8.15 -21.05
N ALA A 431 -28.88 -7.08 -20.64
CA ALA A 431 -29.41 -6.14 -19.67
C ALA A 431 -30.27 -5.05 -20.29
N ASP A 432 -30.14 -4.79 -21.59
CA ASP A 432 -30.86 -3.69 -22.25
C ASP A 432 -31.18 -4.08 -23.68
N PRO A 433 -32.02 -5.10 -23.88
CA PRO A 433 -32.25 -5.59 -25.26
C PRO A 433 -32.85 -4.57 -26.19
N LYS A 434 -33.63 -3.60 -25.69
CA LYS A 434 -34.19 -2.56 -26.54
C LYS A 434 -33.25 -1.37 -26.75
N GLY A 435 -32.09 -1.34 -26.10
CA GLY A 435 -31.18 -0.23 -26.29
C GLY A 435 -31.72 1.08 -25.74
N LEU A 436 -32.43 1.03 -24.63
CA LEU A 436 -33.02 2.21 -24.02
C LEU A 436 -32.14 2.85 -22.95
N LEU A 437 -31.07 2.17 -22.49
CA LEU A 437 -30.22 2.69 -21.44
C LEU A 437 -29.09 3.52 -22.04
N ASN A 438 -29.12 4.83 -21.77
CA ASN A 438 -28.10 5.78 -22.19
C ASN A 438 -27.70 5.59 -23.65
N PRO A 439 -28.64 5.66 -24.58
CA PRO A 439 -28.31 5.39 -25.98
C PRO A 439 -27.27 6.35 -26.53
N GLY A 440 -26.50 5.87 -27.50
CA GLY A 440 -25.49 6.68 -28.16
C GLY A 440 -24.14 6.70 -27.48
N LYS A 441 -24.03 6.13 -26.28
CA LYS A 441 -22.76 6.18 -25.56
C LYS A 441 -21.85 5.01 -25.87
N MSE A 442 -22.38 3.91 -26.40
CA MSE A 442 -21.55 2.77 -26.81
C MSE A 442 -21.59 2.60 -28.32
O MSE A 442 -22.63 2.19 -28.87
CB MSE A 442 -22.05 1.50 -26.12
CG MSE A 442 -21.14 0.29 -26.30
SE MSE A 442 -22.07 -1.35 -25.79
CE MSE A 442 -20.55 -2.58 -25.68
N ILE A 443 -20.48 2.91 -28.98
CA ILE A 443 -20.42 2.87 -30.44
C ILE A 443 -20.74 1.48 -30.96
N ALA A 444 -20.19 0.44 -30.32
CA ALA A 444 -20.33 -0.91 -30.84
C ALA A 444 -21.77 -1.39 -30.87
N TRP A 445 -22.64 -0.78 -30.06
CA TRP A 445 -24.05 -1.15 -30.08
C TRP A 445 -24.71 -0.71 -31.39
N ASP A 446 -24.37 0.47 -31.89
CA ASP A 446 -24.97 1.01 -33.10
C ASP A 446 -24.22 0.61 -34.35
N ASP A 447 -22.92 0.31 -34.25
CA ASP A 447 -22.10 0.02 -35.43
C ASP A 447 -21.79 -1.47 -35.48
N PRO A 448 -22.45 -2.24 -36.36
CA PRO A 448 -22.06 -3.65 -36.51
C PRO A 448 -20.67 -3.83 -37.08
N ASP A 449 -20.22 -2.92 -37.94
CA ASP A 449 -18.89 -3.00 -38.53
C ASP A 449 -17.80 -2.46 -37.61
N TYR A 450 -18.13 -2.02 -36.40
CA TYR A 450 -17.15 -1.35 -35.57
C TYR A 450 -16.06 -2.34 -35.15
N ASP A 451 -14.82 -2.02 -35.51
CA ASP A 451 -13.67 -2.84 -35.14
C ASP A 451 -13.32 -2.49 -33.70
N PHE A 452 -14.11 -3.04 -32.76
CA PHE A 452 -13.88 -2.76 -31.35
C PHE A 452 -12.67 -3.50 -30.79
N ASN A 453 -11.93 -4.23 -31.63
CA ASN A 453 -10.68 -4.87 -31.23
C ASN A 453 -9.45 -4.01 -31.54
N SER A 454 -9.65 -2.81 -32.07
CA SER A 454 -8.56 -1.88 -32.28
C SER A 454 -8.26 -1.15 -30.97
N GLY A 455 -7.50 -0.07 -31.04
CA GLY A 455 -7.08 0.63 -29.84
C GLY A 455 -5.91 -0.08 -29.18
N LYS A 456 -5.07 0.68 -28.48
CA LYS A 456 -3.88 0.10 -27.87
C LYS A 456 -4.05 -0.04 -26.37
N VAL A 457 -4.01 1.08 -25.65
CA VAL A 457 -3.98 1.08 -24.19
C VAL A 457 -5.38 1.44 -23.69
N TRP A 458 -6.06 0.46 -23.10
CA TRP A 458 -7.37 0.65 -22.49
C TRP A 458 -7.22 0.67 -20.97
N LEU A 459 -7.80 1.68 -20.33
CA LEU A 459 -7.68 1.79 -18.88
C LEU A 459 -8.47 0.68 -18.18
N PHE A 460 -9.69 0.44 -18.63
CA PHE A 460 -10.56 -0.63 -18.13
C PHE A 460 -10.60 -1.71 -19.22
N LYS A 461 -9.67 -2.66 -19.14
CA LYS A 461 -9.60 -3.75 -20.11
C LYS A 461 -10.76 -4.71 -19.95
N GLY A 462 -11.21 -5.26 -21.08
CA GLY A 462 -12.32 -6.20 -21.06
C GLY A 462 -11.99 -7.49 -20.32
N LEU A 463 -13.04 -8.25 -20.01
CA LEU A 463 -12.87 -9.50 -19.28
C LEU A 463 -12.45 -10.65 -20.18
N LYS A 464 -12.60 -10.54 -21.49
CA LYS A 464 -12.34 -11.65 -22.40
C LYS A 464 -10.84 -11.86 -22.60
N GLN A 465 -10.43 -13.13 -22.72
CA GLN A 465 -9.06 -13.47 -23.04
C GLN A 465 -8.99 -14.91 -23.53
N ALA A 466 -7.91 -15.22 -24.24
CA ALA A 466 -7.57 -16.58 -24.70
C ALA A 466 -8.73 -17.36 -25.31
N GLY B 1 34.50 -14.78 33.00
CA GLY B 1 34.16 -14.26 34.31
C GLY B 1 34.77 -12.90 34.61
N HIS B 2 33.96 -11.86 34.43
CA HIS B 2 34.46 -10.50 34.55
C HIS B 2 34.92 -10.23 35.97
N MSE B 3 36.01 -9.50 36.11
CA MSE B 3 36.66 -9.35 37.41
C MSE B 3 35.87 -8.51 38.42
O MSE B 3 36.10 -8.61 39.63
CB MSE B 3 38.07 -8.79 37.25
CG MSE B 3 38.17 -7.32 36.87
SE MSE B 3 40.06 -6.84 36.69
CE MSE B 3 40.69 -8.25 37.81
N ASN B 4 34.92 -7.71 37.94
CA ASN B 4 34.22 -6.76 38.79
C ASN B 4 32.80 -7.18 39.16
N ILE B 5 32.45 -8.46 38.98
CA ILE B 5 31.07 -8.89 39.20
C ILE B 5 30.66 -8.72 40.66
N GLU B 6 31.54 -9.04 41.60
CA GLU B 6 31.18 -8.92 43.01
C GLU B 6 30.82 -7.48 43.36
N ALA B 7 31.65 -6.53 42.96
CA ALA B 7 31.40 -5.13 43.28
C ALA B 7 30.14 -4.63 42.58
N LEU B 8 29.93 -5.03 41.32
CA LEU B 8 28.74 -4.58 40.60
C LEU B 8 27.48 -5.09 41.28
N THR B 9 27.48 -6.37 41.67
CA THR B 9 26.30 -6.97 42.31
C THR B 9 25.93 -6.21 43.58
N ALA B 10 26.94 -5.80 44.36
CA ALA B 10 26.69 -5.08 45.60
C ALA B 10 26.03 -3.73 45.36
N GLU B 11 26.13 -3.17 44.17
CA GLU B 11 25.50 -1.90 43.88
C GLU B 11 24.08 -2.04 43.33
N LEU B 12 23.56 -3.26 43.21
CA LEU B 12 22.29 -3.50 42.56
C LEU B 12 21.22 -4.04 43.50
N ASP B 13 21.35 -3.81 44.81
CA ASP B 13 20.31 -4.23 45.75
C ASP B 13 18.97 -3.60 45.38
N GLY B 14 17.93 -4.42 45.37
CA GLY B 14 16.60 -3.96 44.99
C GLY B 14 16.27 -4.13 43.53
N ILE B 15 17.25 -4.46 42.69
CA ILE B 15 17.03 -4.75 41.29
C ILE B 15 17.12 -6.25 41.10
N ARG B 16 16.23 -6.80 40.30
CA ARG B 16 16.18 -8.24 40.09
C ARG B 16 17.37 -8.68 39.26
N ILE B 17 18.20 -9.57 39.83
CA ILE B 17 19.39 -10.11 39.16
C ILE B 17 19.42 -11.62 39.35
N GLU B 18 20.12 -12.28 38.44
CA GLU B 18 20.20 -13.74 38.44
C GLU B 18 21.62 -14.13 38.06
N ASP B 19 22.27 -14.92 38.91
CA ASP B 19 23.60 -15.45 38.61
C ASP B 19 23.67 -16.97 38.55
N ASN B 20 22.53 -17.67 38.67
CA ASN B 20 22.52 -19.12 38.51
C ASN B 20 23.09 -19.50 37.15
N GLU B 21 24.08 -20.41 37.15
CA GLU B 21 24.84 -20.68 35.94
C GLU B 21 23.95 -21.17 34.81
N LYS B 22 23.02 -22.09 35.11
CA LYS B 22 22.16 -22.65 34.08
C LYS B 22 21.20 -21.61 33.51
N ILE B 23 20.59 -20.80 34.38
CA ILE B 23 19.66 -19.79 33.89
C ILE B 23 20.40 -18.72 33.10
N VAL B 24 21.56 -18.27 33.61
CA VAL B 24 22.36 -17.30 32.87
C VAL B 24 22.70 -17.84 31.49
N GLN B 25 23.09 -19.11 31.41
CA GLN B 25 23.44 -19.69 30.11
C GLN B 25 22.25 -19.68 29.16
N GLN B 26 21.06 -20.05 29.66
CA GLN B 26 19.88 -20.03 28.80
C GLN B 26 19.58 -18.63 28.31
N LYS B 27 19.70 -17.63 29.19
CA LYS B 27 19.44 -16.24 28.84
C LYS B 27 20.61 -15.56 28.14
N SER B 28 21.66 -16.31 27.84
CA SER B 28 22.80 -15.83 27.06
C SER B 28 22.78 -16.38 25.65
N ARG B 29 21.72 -17.08 25.26
CA ARG B 29 21.59 -17.70 23.96
C ARG B 29 20.30 -17.29 23.30
N ASP B 30 20.36 -17.11 21.98
CA ASP B 30 19.17 -16.95 21.15
C ASP B 30 19.02 -18.17 20.26
N PHE B 31 18.48 -18.00 19.05
CA PHE B 31 18.35 -19.08 18.08
C PHE B 31 19.49 -19.07 17.06
N TYR B 32 20.68 -18.63 17.48
CA TYR B 32 21.89 -18.70 16.65
C TYR B 32 22.13 -20.09 16.06
N TRP B 33 21.71 -21.15 16.76
CA TRP B 33 22.01 -22.49 16.30
C TRP B 33 21.27 -22.88 15.02
N TYR B 34 20.36 -22.05 14.51
CA TYR B 34 19.86 -22.26 13.16
C TYR B 34 21.00 -22.27 12.15
N SER B 35 22.12 -21.62 12.48
CA SER B 35 23.32 -21.64 11.66
C SER B 35 24.28 -22.67 12.20
N PRO B 36 24.65 -23.70 11.44
CA PRO B 36 25.67 -24.64 11.93
C PRO B 36 26.97 -23.96 12.29
N LEU B 37 27.37 -22.93 11.55
CA LEU B 37 28.60 -22.22 11.88
C LEU B 37 28.48 -21.50 13.22
N LEU B 38 27.40 -20.75 13.42
CA LEU B 38 27.25 -20.05 14.69
C LEU B 38 27.08 -21.03 15.84
N LYS B 39 26.41 -22.17 15.60
CA LYS B 39 26.24 -23.16 16.66
C LYS B 39 27.60 -23.59 17.21
N ARG B 40 28.57 -23.72 16.32
CA ARG B 40 29.92 -24.10 16.72
C ARG B 40 30.67 -22.91 17.30
N GLN B 41 30.68 -21.78 16.59
CA GLN B 41 31.51 -20.65 16.98
C GLN B 41 31.07 -20.02 18.30
N LEU B 42 29.78 -20.06 18.62
CA LEU B 42 29.27 -19.38 19.80
C LEU B 42 28.96 -20.33 20.97
N ASP B 43 29.39 -21.60 20.88
CA ASP B 43 29.00 -22.58 21.88
C ASP B 43 29.46 -22.22 23.28
N HIS B 44 30.59 -21.54 23.42
CA HIS B 44 31.16 -21.24 24.73
C HIS B 44 30.66 -19.93 25.32
N VAL B 45 29.80 -19.21 24.60
CA VAL B 45 29.37 -17.88 25.04
C VAL B 45 28.37 -18.01 26.19
N THR B 46 28.63 -17.27 27.27
CA THR B 46 27.66 -17.12 28.35
C THR B 46 27.96 -15.83 29.11
N GLY B 47 26.92 -15.26 29.71
CA GLY B 47 27.09 -14.09 30.55
C GLY B 47 27.54 -14.46 31.95
N ASP B 48 27.72 -13.42 32.77
CA ASP B 48 27.97 -13.58 34.20
C ASP B 48 26.73 -13.33 35.05
N LEU B 49 25.78 -12.53 34.55
CA LEU B 49 24.66 -12.08 35.34
C LEU B 49 23.55 -11.65 34.39
N VAL B 50 22.30 -11.97 34.73
CA VAL B 50 21.13 -11.41 34.04
C VAL B 50 20.49 -10.38 34.95
N VAL B 51 20.30 -9.17 34.44
CA VAL B 51 19.72 -8.06 35.21
C VAL B 51 18.44 -7.61 34.52
N SER B 52 17.38 -7.46 35.31
CA SER B 52 16.03 -7.24 34.78
C SER B 52 15.38 -5.98 35.36
N PRO B 53 15.71 -4.80 34.83
CA PRO B 53 15.09 -3.56 35.33
C PRO B 53 13.60 -3.50 34.99
N LYS B 54 12.83 -2.96 35.94
CA LYS B 54 11.38 -2.81 35.76
C LYS B 54 10.99 -1.48 35.16
N THR B 55 11.85 -0.47 35.29
CA THR B 55 11.54 0.89 34.89
C THR B 55 12.80 1.53 34.32
N GLU B 56 12.61 2.66 33.63
CA GLU B 56 13.74 3.39 33.09
C GLU B 56 14.67 3.86 34.21
N ALA B 57 14.12 4.23 35.36
CA ALA B 57 14.97 4.63 36.48
C ALA B 57 15.86 3.49 36.95
N GLU B 58 15.28 2.27 37.06
CA GLU B 58 16.11 1.11 37.39
C GLU B 58 17.15 0.85 36.32
N LEU B 59 16.77 0.96 35.05
CA LEU B 59 17.72 0.77 33.97
C LEU B 59 18.89 1.75 34.09
N ILE B 60 18.60 3.02 34.40
CA ILE B 60 19.67 4.00 34.52
C ILE B 60 20.59 3.65 35.68
N ARG B 61 20.02 3.19 36.79
CA ARG B 61 20.84 2.74 37.90
C ARG B 61 21.77 1.60 37.47
N VAL B 62 21.25 0.66 36.67
CA VAL B 62 22.05 -0.48 36.23
C VAL B 62 23.17 -0.02 35.30
N LEU B 63 22.84 0.80 34.29
CA LEU B 63 23.85 1.27 33.36
C LEU B 63 24.92 2.08 34.06
N LYS B 64 24.53 2.93 35.01
CA LYS B 64 25.51 3.73 35.74
C LYS B 64 26.49 2.83 36.50
N ALA B 65 25.98 1.76 37.12
CA ALA B 65 26.86 0.86 37.86
C ALA B 65 27.76 0.06 36.91
N CYS B 66 27.21 -0.38 35.79
CA CYS B 66 28.04 -1.11 34.83
C CYS B 66 29.12 -0.22 34.23
N TYR B 67 28.79 1.06 33.99
CA TYR B 67 29.79 1.97 33.43
C TYR B 67 30.96 2.14 34.38
N ARG B 68 30.67 2.41 35.66
CA ARG B 68 31.74 2.66 36.61
C ARG B 68 32.57 1.42 36.90
N HIS B 69 31.99 0.23 36.75
CA HIS B 69 32.75 -1.01 36.93
C HIS B 69 33.21 -1.61 35.61
N GLU B 70 32.95 -0.92 34.51
CA GLU B 70 33.37 -1.34 33.17
C GLU B 70 32.98 -2.80 32.89
N VAL B 71 31.73 -3.12 33.16
CA VAL B 71 31.17 -4.45 32.91
C VAL B 71 30.35 -4.37 31.63
N PRO B 72 30.65 -5.20 30.62
CA PRO B 72 29.87 -5.15 29.38
C PRO B 72 28.39 -5.42 29.61
N VAL B 73 27.57 -4.82 28.76
CA VAL B 73 26.12 -4.94 28.84
C VAL B 73 25.61 -5.35 27.47
N THR B 74 24.88 -6.47 27.43
CA THR B 74 24.30 -6.99 26.19
C THR B 74 22.80 -7.03 26.37
N PRO B 75 22.04 -6.20 25.65
CA PRO B 75 20.59 -6.18 25.83
C PRO B 75 19.95 -7.45 25.29
N ARG B 76 18.80 -7.78 25.88
CA ARG B 76 18.00 -8.92 25.46
C ARG B 76 16.54 -8.53 25.59
N GLY B 77 15.76 -8.83 24.55
CA GLY B 77 14.31 -8.82 24.65
C GLY B 77 13.87 -10.16 25.18
N THR B 78 13.52 -11.08 24.28
CA THR B 78 13.23 -12.46 24.64
C THR B 78 14.13 -13.47 23.91
N GLY B 79 15.19 -13.00 23.27
CA GLY B 79 16.21 -13.92 22.76
C GLY B 79 15.77 -14.84 21.64
N THR B 80 14.99 -14.32 20.69
CA THR B 80 14.55 -15.09 19.55
C THR B 80 15.31 -14.77 18.26
N GLY B 81 16.32 -13.90 18.32
CA GLY B 81 17.14 -13.64 17.16
C GLY B 81 17.84 -14.89 16.65
N ASN B 82 18.29 -14.83 15.39
CA ASN B 82 18.97 -15.96 14.75
C ASN B 82 20.46 -15.77 14.53
N TYR B 83 21.03 -14.59 14.80
CA TYR B 83 22.42 -14.33 14.50
C TYR B 83 23.29 -14.23 15.75
N GLY B 84 22.77 -14.60 16.91
CA GLY B 84 23.51 -14.34 18.14
C GLY B 84 23.52 -12.90 18.59
N GLN B 85 22.60 -12.06 18.09
CA GLN B 85 22.66 -10.62 18.38
C GLN B 85 22.66 -10.33 19.88
N ALA B 86 21.82 -11.03 20.64
CA ALA B 86 21.69 -10.81 22.07
C ALA B 86 22.67 -11.63 22.90
N MSE B 87 23.68 -12.22 22.27
CA MSE B 87 24.59 -13.10 23.00
C MSE B 87 25.86 -12.37 23.43
O MSE B 87 26.49 -11.69 22.62
CB MSE B 87 24.89 -14.35 22.17
CG MSE B 87 23.62 -15.15 21.85
SE MSE B 87 23.96 -16.86 20.98
CE MSE B 87 25.25 -17.64 22.20
N PRO B 88 26.22 -12.48 24.71
CA PRO B 88 27.30 -11.64 25.26
C PRO B 88 28.71 -12.18 24.99
N LEU B 89 29.35 -11.71 23.92
CA LEU B 89 30.66 -12.22 23.52
C LEU B 89 31.72 -11.99 24.59
N SER B 90 31.57 -10.97 25.43
CA SER B 90 32.55 -10.65 26.46
C SER B 90 32.06 -11.00 27.86
N GLY B 91 31.08 -11.88 27.98
CA GLY B 91 30.55 -12.14 29.31
C GLY B 91 29.80 -10.92 29.82
N GLY B 92 29.86 -10.72 31.14
CA GLY B 92 29.25 -9.53 31.69
C GLY B 92 27.75 -9.66 31.92
N VAL B 93 27.06 -8.54 31.78
CA VAL B 93 25.63 -8.46 32.10
C VAL B 93 24.82 -8.73 30.83
N VAL B 94 23.87 -9.66 30.93
CA VAL B 94 22.77 -9.75 30.00
C VAL B 94 21.66 -8.88 30.59
N LEU B 95 21.33 -7.80 29.90
CA LEU B 95 20.36 -6.81 30.36
C LEU B 95 19.02 -7.12 29.72
N SER B 96 18.13 -7.76 30.48
CA SER B 96 16.83 -8.12 29.96
C SER B 96 15.87 -6.95 30.10
N LEU B 97 15.23 -6.55 29.01
CA LEU B 97 14.21 -5.51 29.02
C LEU B 97 12.80 -6.08 29.10
N ALA B 98 12.69 -7.37 29.40
CA ALA B 98 11.39 -8.04 29.31
C ALA B 98 10.35 -7.46 30.27
N ASP B 99 10.76 -6.91 31.41
CA ASP B 99 9.82 -6.31 32.36
C ASP B 99 9.48 -4.87 32.04
N MSE B 100 10.12 -4.26 31.05
CA MSE B 100 9.74 -2.92 30.65
C MSE B 100 8.74 -3.03 29.52
O MSE B 100 9.06 -2.88 28.35
CB MSE B 100 10.97 -2.08 30.26
CG MSE B 100 11.82 -1.71 31.46
SE MSE B 100 13.30 -0.54 30.95
CE MSE B 100 12.27 1.02 30.46
N ASN B 101 7.50 -3.33 29.89
CA ASN B 101 6.47 -3.67 28.92
C ASN B 101 5.25 -2.75 29.02
N ASP B 102 5.48 -1.47 29.36
CA ASP B 102 4.36 -0.52 29.41
C ASP B 102 3.74 -0.36 28.01
N ILE B 103 2.44 -0.10 28.00
CA ILE B 103 1.76 0.39 26.80
C ILE B 103 1.02 1.64 27.26
N ARG B 104 1.49 2.83 26.83
CA ARG B 104 0.99 4.05 27.44
C ARG B 104 0.09 4.90 26.56
N GLU B 105 0.05 4.65 25.25
CA GLU B 105 -0.81 5.44 24.39
C GLU B 105 -1.14 4.65 23.15
N ILE B 106 -2.41 4.68 22.78
CA ILE B 106 -2.89 4.14 21.51
C ILE B 106 -3.80 5.20 20.91
N LYS B 107 -3.49 5.62 19.70
CA LYS B 107 -4.24 6.66 19.00
C LYS B 107 -4.49 6.17 17.58
N PRO B 108 -5.38 6.86 16.81
CA PRO B 108 -5.58 6.49 15.42
C PRO B 108 -4.28 6.62 14.65
N GLY B 109 -3.67 5.48 14.31
CA GLY B 109 -2.45 5.48 13.55
C GLY B 109 -1.15 5.30 14.30
N TRP B 110 -1.14 5.24 15.65
CA TRP B 110 0.14 5.02 16.33
C TRP B 110 -0.05 4.50 17.75
N VAL B 111 1.05 3.94 18.27
CA VAL B 111 1.11 3.39 19.62
C VAL B 111 2.45 3.78 20.24
N ILE B 112 2.45 3.96 21.56
CA ILE B 112 3.67 4.20 22.33
C ILE B 112 3.78 3.11 23.38
N CYS B 113 4.91 2.40 23.40
CA CYS B 113 5.07 1.29 24.32
C CYS B 113 6.53 1.10 24.70
N GLY B 114 6.74 0.23 25.70
CA GLY B 114 8.08 -0.15 26.13
C GLY B 114 8.67 -1.24 25.26
N PRO B 115 9.97 -1.48 25.46
CA PRO B 115 10.71 -2.40 24.58
C PRO B 115 10.35 -3.86 24.80
N GLY B 116 9.90 -4.22 25.99
CA GLY B 116 9.64 -5.61 26.34
C GLY B 116 8.28 -6.12 25.94
N VAL B 117 7.41 -5.27 25.37
CA VAL B 117 6.10 -5.74 24.96
C VAL B 117 6.27 -6.81 23.87
N ILE B 118 5.63 -7.97 24.08
CA ILE B 118 5.59 -9.00 23.05
C ILE B 118 4.67 -8.54 21.93
N CYS B 119 5.08 -8.78 20.68
CA CYS B 119 4.34 -8.26 19.53
C CYS B 119 2.86 -8.61 19.60
N SER B 120 2.54 -9.87 19.90
CA SER B 120 1.14 -10.28 19.94
C SER B 120 0.36 -9.60 21.07
N ASP B 121 1.03 -9.29 22.19
CA ASP B 121 0.36 -8.55 23.25
C ASP B 121 0.09 -7.11 22.85
N LEU B 122 1.03 -6.50 22.11
CA LEU B 122 0.77 -5.15 21.60
C LEU B 122 -0.48 -5.15 20.74
N ASP B 123 -0.59 -6.11 19.81
CA ASP B 123 -1.77 -6.17 18.97
C ASP B 123 -3.03 -6.46 19.77
N LYS B 124 -2.95 -7.35 20.77
CA LYS B 124 -4.12 -7.61 21.60
C LYS B 124 -4.66 -6.31 22.20
N ALA B 125 -3.76 -5.45 22.68
CA ALA B 125 -4.18 -4.19 23.29
C ALA B 125 -4.72 -3.22 22.24
N ALA B 126 -4.03 -3.11 21.11
CA ALA B 126 -4.46 -2.17 20.08
C ALA B 126 -5.80 -2.59 19.47
N ARG B 127 -6.03 -3.90 19.36
CA ARG B 127 -7.31 -4.37 18.85
C ARG B 127 -8.43 -4.06 19.83
N ALA B 128 -8.22 -4.35 21.12
CA ALA B 128 -9.25 -4.07 22.12
C ALA B 128 -9.54 -2.57 22.20
N HIS B 129 -8.51 -1.75 22.08
CA HIS B 129 -8.66 -0.31 22.24
C HIS B 129 -9.43 0.30 21.06
N SER B 130 -9.05 -0.03 19.83
CA SER B 130 -9.60 0.67 18.68
C SER B 130 -9.45 -0.10 17.37
N GLY B 131 -9.36 -1.42 17.45
CA GLY B 131 -9.35 -2.19 16.20
C GLY B 131 -8.14 -1.93 15.34
N GLN B 132 -6.97 -1.82 15.97
CA GLN B 132 -5.73 -1.54 15.27
C GLN B 132 -4.70 -2.61 15.62
N GLU B 133 -3.60 -2.62 14.88
CA GLU B 133 -2.54 -3.61 15.04
C GLU B 133 -1.27 -3.08 14.36
N LEU B 134 -0.16 -3.76 14.63
CA LEU B 134 1.09 -3.39 14.00
C LEU B 134 1.00 -3.50 12.47
N ARG B 135 1.73 -2.63 11.77
CA ARG B 135 1.88 -2.77 10.32
C ARG B 135 2.59 -4.07 9.95
N MSE B 136 3.58 -4.45 10.75
CA MSE B 136 4.43 -5.59 10.43
C MSE B 136 4.92 -6.23 11.70
O MSE B 136 4.97 -5.58 12.75
CB MSE B 136 5.63 -5.20 9.55
CG MSE B 136 6.51 -4.17 10.21
SE MSE B 136 7.97 -3.58 9.11
CE MSE B 136 7.21 -3.91 7.49
N HIS B 137 5.25 -7.51 11.63
CA HIS B 137 5.74 -8.22 12.79
C HIS B 137 6.51 -9.44 12.31
N PRO B 138 7.45 -9.95 13.09
CA PRO B 138 8.17 -11.16 12.69
C PRO B 138 7.28 -12.38 12.86
N SER B 139 7.65 -13.48 12.21
CA SER B 139 6.85 -14.69 12.38
C SER B 139 6.87 -15.21 13.82
N THR B 140 7.86 -14.78 14.62
CA THR B 140 7.92 -14.97 16.06
C THR B 140 6.98 -14.03 16.84
N TYR B 141 5.94 -13.51 16.19
CA TYR B 141 4.85 -12.71 16.77
C TYR B 141 4.53 -13.00 18.23
N HIS B 142 4.35 -14.28 18.57
CA HIS B 142 3.87 -14.64 19.90
C HIS B 142 4.97 -14.71 20.96
N THR B 143 6.23 -14.52 20.57
CA THR B 143 7.33 -14.64 21.53
C THR B 143 8.27 -13.44 21.53
N ALA B 144 8.39 -12.76 20.40
CA ALA B 144 9.39 -11.71 20.23
C ALA B 144 8.92 -10.36 20.77
N THR B 145 9.86 -9.58 21.29
CA THR B 145 9.55 -8.24 21.76
C THR B 145 9.66 -7.21 20.64
N VAL B 146 8.95 -6.09 20.84
CA VAL B 146 9.00 -4.98 19.91
C VAL B 146 10.39 -4.35 19.90
N GLY B 147 10.99 -4.16 21.08
CA GLY B 147 12.31 -3.56 21.11
C GLY B 147 13.36 -4.41 20.42
N GLY B 148 13.27 -5.73 20.60
CA GLY B 148 14.20 -6.62 19.92
C GLY B 148 13.96 -6.69 18.42
N PHE B 149 12.71 -6.53 17.99
CA PHE B 149 12.42 -6.45 16.56
C PHE B 149 13.10 -5.23 15.96
N ILE B 150 13.01 -4.08 16.65
CA ILE B 150 13.64 -2.88 16.13
C ILE B 150 15.16 -2.98 16.13
N ALA B 151 15.74 -3.54 17.21
CA ALA B 151 17.20 -3.54 17.32
C ALA B 151 17.83 -4.72 16.59
N GLY B 152 17.07 -5.78 16.32
CA GLY B 152 17.64 -7.02 15.81
C GLY B 152 16.95 -7.62 14.60
N GLY B 153 15.81 -7.06 14.19
CA GLY B 153 15.01 -7.61 13.10
C GLY B 153 14.89 -6.70 11.90
N SER B 154 14.05 -7.09 10.92
CA SER B 154 14.00 -6.28 9.70
C SER B 154 12.62 -6.14 9.07
N GLY B 155 11.67 -7.02 9.33
CA GLY B 155 10.41 -7.01 8.60
C GLY B 155 9.70 -8.32 8.86
N GLY B 156 8.76 -8.64 7.99
CA GLY B 156 8.08 -9.91 8.15
C GLY B 156 6.66 -9.88 7.62
N ILE B 157 5.73 -10.42 8.41
CA ILE B 157 4.32 -10.33 8.05
C ILE B 157 3.97 -8.85 7.95
N GLY B 158 3.27 -8.47 6.88
CA GLY B 158 2.96 -7.08 6.63
C GLY B 158 3.95 -6.35 5.73
N SER B 159 5.14 -6.89 5.53
CA SER B 159 6.10 -6.26 4.63
C SER B 159 5.57 -6.19 3.21
N ILE B 160 4.66 -7.10 2.84
CA ILE B 160 3.98 -7.03 1.54
C ILE B 160 3.31 -5.68 1.33
N ASN B 161 2.87 -5.04 2.42
CA ASN B 161 2.17 -3.75 2.36
C ASN B 161 3.05 -2.56 2.66
N TRP B 162 4.06 -2.74 3.52
CA TRP B 162 4.72 -1.60 4.14
C TRP B 162 6.23 -1.55 3.96
N GLY B 163 6.85 -2.55 3.35
CA GLY B 163 8.28 -2.54 3.27
C GLY B 163 8.90 -3.13 4.51
N GLY B 164 9.79 -2.41 5.17
CA GLY B 164 10.46 -3.00 6.31
C GLY B 164 10.90 -1.94 7.30
N LEU B 165 11.59 -2.38 8.35
CA LEU B 165 12.11 -1.44 9.33
C LEU B 165 13.21 -0.54 8.77
N ARG B 166 13.79 -0.88 7.61
CA ARG B 166 14.72 0.01 6.92
C ARG B 166 14.06 1.29 6.41
N ASP B 167 12.72 1.34 6.32
CA ASP B 167 12.05 2.40 5.56
C ASP B 167 11.51 3.49 6.48
N PHE B 168 11.72 4.75 6.07
CA PHE B 168 11.11 5.88 6.77
C PHE B 168 9.64 5.64 7.02
N GLY B 169 9.19 5.94 8.23
CA GLY B 169 7.79 5.88 8.57
C GLY B 169 7.37 4.61 9.30
N ASN B 170 8.14 3.54 9.20
CA ASN B 170 7.73 2.31 9.87
C ASN B 170 8.07 2.29 11.36
N ILE B 171 8.87 3.25 11.80
CA ILE B 171 9.09 3.57 13.22
C ILE B 171 9.00 5.09 13.28
N ILE B 172 8.34 5.61 14.31
CA ILE B 172 8.12 7.05 14.43
C ILE B 172 9.12 7.72 15.36
N ARG B 173 9.44 7.09 16.50
CA ARG B 173 10.35 7.69 17.46
C ARG B 173 10.95 6.56 18.29
N LEU B 174 12.22 6.71 18.65
CA LEU B 174 12.86 5.82 19.62
C LEU B 174 13.44 6.66 20.74
N ARG B 175 13.04 6.35 21.97
CA ARG B 175 13.67 6.91 23.15
C ARG B 175 14.78 5.95 23.57
N VAL B 176 16.00 6.47 23.68
CA VAL B 176 17.18 5.65 23.90
C VAL B 176 17.96 6.21 25.08
N VAL B 177 18.49 5.31 25.90
CA VAL B 177 19.33 5.67 27.05
C VAL B 177 20.77 5.26 26.74
N THR B 178 21.70 6.17 26.96
CA THR B 178 23.10 5.94 26.62
C THR B 178 23.86 5.26 27.75
N MSE B 179 24.99 4.65 27.38
CA MSE B 179 25.94 4.13 28.33
C MSE B 179 27.03 5.15 28.61
O MSE B 179 28.10 5.15 28.00
CB MSE B 179 26.56 2.84 27.80
CG MSE B 179 27.62 2.29 28.71
SE MSE B 179 26.82 1.61 30.36
CE MSE B 179 26.65 -0.12 29.47
N GLU B 180 26.76 6.05 29.55
CA GLU B 180 27.71 7.09 29.94
C GLU B 180 27.76 7.14 31.45
N GLN B 181 28.73 7.90 31.97
CA GLN B 181 28.88 8.00 33.42
C GLN B 181 27.57 8.41 34.06
N GLU B 182 26.88 9.38 33.47
CA GLU B 182 25.50 9.70 33.78
C GLU B 182 24.68 9.37 32.55
N PRO B 183 23.97 8.24 32.53
CA PRO B 183 23.22 7.86 31.31
C PRO B 183 22.26 8.96 30.89
N GLN B 184 22.26 9.25 29.58
CA GLN B 184 21.46 10.32 29.00
C GLN B 184 20.28 9.73 28.23
N VAL B 185 19.19 10.49 28.20
CA VAL B 185 17.99 10.13 27.49
C VAL B 185 17.96 10.88 26.16
N LEU B 186 17.89 10.15 25.06
CA LEU B 186 17.76 10.74 23.74
C LEU B 186 16.40 10.41 23.18
N GLU B 187 15.72 11.42 22.64
CA GLU B 187 14.46 11.22 21.92
C GLU B 187 14.78 11.37 20.43
N LEU B 188 14.85 10.22 19.73
CA LEU B 188 15.29 10.19 18.34
C LEU B 188 14.07 10.16 17.43
N THR B 189 13.95 11.18 16.58
CA THR B 189 12.90 11.25 15.57
C THR B 189 13.54 11.47 14.21
N GLY B 190 12.74 11.71 13.17
CA GLY B 190 13.32 12.00 11.87
C GLY B 190 14.25 10.90 11.40
N GLU B 191 15.37 11.30 10.82
CA GLU B 191 16.34 10.30 10.38
C GLU B 191 17.16 9.76 11.54
N ASP B 192 17.16 10.44 12.68
CA ASP B 192 18.09 10.09 13.76
C ASP B 192 17.78 8.70 14.33
N LEU B 193 16.51 8.32 14.42
CA LEU B 193 16.18 7.02 14.96
C LEU B 193 16.75 5.90 14.12
N HIS B 194 17.02 6.17 12.84
CA HIS B 194 17.54 5.15 11.96
C HIS B 194 18.99 4.80 12.23
N LYS B 195 19.66 5.52 13.14
CA LYS B 195 20.98 5.08 13.58
C LYS B 195 20.87 3.84 14.45
N VAL B 196 19.73 3.66 15.12
CA VAL B 196 19.52 2.60 16.11
C VAL B 196 18.90 1.34 15.51
N THR B 197 18.13 1.46 14.42
CA THR B 197 17.46 0.30 13.86
C THR B 197 18.50 -0.73 13.44
N HIS B 198 18.26 -1.98 13.83
CA HIS B 198 19.15 -3.09 13.47
C HIS B 198 20.61 -2.82 13.84
N ALA B 199 20.85 -2.14 14.96
CA ALA B 199 22.20 -1.91 15.46
C ALA B 199 22.55 -2.84 16.61
N TYR B 200 21.70 -3.84 16.88
CA TYR B 200 22.00 -4.88 17.86
C TYR B 200 22.22 -4.33 19.26
N GLY B 201 21.64 -3.18 19.60
CA GLY B 201 21.81 -2.64 20.93
C GLY B 201 23.17 -2.01 21.18
N THR B 202 23.97 -1.81 20.12
CA THR B 202 25.32 -1.31 20.28
C THR B 202 25.40 0.21 20.48
N ASN B 203 24.31 0.93 20.32
CA ASN B 203 24.38 2.39 20.41
C ASN B 203 23.27 2.95 21.30
N GLY B 204 22.87 2.17 22.30
CA GLY B 204 21.92 2.64 23.30
C GLY B 204 20.80 1.66 23.59
N ILE B 205 20.17 1.81 24.74
CA ILE B 205 19.06 0.95 25.15
C ILE B 205 17.75 1.64 24.81
N ILE B 206 16.95 1.01 23.96
CA ILE B 206 15.62 1.52 23.64
C ILE B 206 14.72 1.33 24.86
N THR B 207 14.16 2.44 25.35
CA THR B 207 13.23 2.36 26.48
C THR B 207 11.79 2.75 26.12
N GLU B 208 11.56 3.33 24.96
CA GLU B 208 10.21 3.64 24.51
C GLU B 208 10.21 3.69 22.99
N ILE B 209 9.14 3.15 22.40
CA ILE B 209 8.98 3.08 20.97
C ILE B 209 7.66 3.74 20.61
N GLU B 210 7.68 4.56 19.58
CA GLU B 210 6.44 5.03 18.95
C GLU B 210 6.44 4.41 17.56
N MSE B 211 5.47 3.54 17.28
CA MSE B 211 5.41 2.91 15.94
C MSE B 211 3.98 3.21 15.37
O MSE B 211 3.01 3.49 16.10
CB MSE B 211 5.91 1.38 15.92
CG MSE B 211 7.57 0.74 15.72
SE MSE B 211 6.87 -0.90 16.25
CE MSE B 211 6.82 -1.66 14.45
N PRO B 212 3.86 3.27 14.05
CA PRO B 212 2.54 3.44 13.46
C PRO B 212 1.70 2.20 13.69
N LEU B 213 0.38 2.38 13.59
CA LEU B 213 -0.57 1.30 13.62
C LEU B 213 -1.35 1.28 12.33
N ALA B 214 -1.91 0.11 12.05
CA ALA B 214 -2.71 -0.18 10.86
C ALA B 214 -4.02 -0.80 11.31
N PRO B 215 -5.01 -0.86 10.43
CA PRO B 215 -6.30 -1.42 10.83
C PRO B 215 -6.26 -2.93 11.04
N ALA B 216 -6.95 -3.39 12.08
CA ALA B 216 -7.04 -4.83 12.36
C ALA B 216 -8.21 -5.40 11.59
N TYR B 217 -7.92 -6.12 10.52
CA TYR B 217 -8.96 -6.75 9.71
C TYR B 217 -9.05 -8.23 10.05
N ASP B 218 -10.12 -8.85 9.57
CA ASP B 218 -10.29 -10.29 9.60
C ASP B 218 -9.40 -10.85 8.50
N TRP B 219 -8.20 -11.29 8.85
CA TRP B 219 -7.25 -11.84 7.89
C TRP B 219 -7.55 -13.33 7.70
N ILE B 220 -7.78 -13.72 6.45
CA ILE B 220 -8.16 -15.09 6.09
C ILE B 220 -6.93 -15.81 5.56
N ASP B 221 -6.59 -16.95 6.17
CA ASP B 221 -5.51 -17.81 5.70
C ASP B 221 -5.96 -18.59 4.46
N ALA B 222 -5.11 -18.61 3.44
CA ALA B 222 -5.38 -19.44 2.28
C ALA B 222 -4.05 -19.96 1.71
N MSE B 223 -4.08 -21.19 1.20
CA MSE B 223 -2.94 -21.72 0.45
C MSE B 223 -3.35 -21.97 -1.00
O MSE B 223 -4.45 -22.47 -1.25
CB MSE B 223 -2.45 -23.03 1.07
CG MSE B 223 -1.73 -22.83 2.38
SE MSE B 223 -0.68 -24.39 2.89
CE MSE B 223 -2.14 -25.46 3.31
N VAL B 224 -2.46 -21.61 -1.91
CA VAL B 224 -2.66 -21.84 -3.34
C VAL B 224 -1.58 -22.81 -3.80
N GLY B 225 -2.00 -23.91 -4.44
CA GLY B 225 -1.11 -25.01 -4.78
C GLY B 225 -0.70 -25.01 -6.24
N PHE B 226 0.55 -25.45 -6.48
CA PHE B 226 1.12 -25.45 -7.82
C PHE B 226 1.99 -26.68 -8.03
N ASP B 227 2.07 -27.11 -9.29
CA ASP B 227 2.86 -28.27 -9.65
C ASP B 227 4.32 -27.94 -9.91
N SER B 228 4.71 -26.67 -9.81
CA SER B 228 6.11 -26.27 -9.97
C SER B 228 6.37 -25.02 -9.14
N PHE B 229 7.63 -24.83 -8.79
CA PHE B 229 8.02 -23.62 -8.06
C PHE B 229 7.85 -22.38 -8.93
N ASP B 230 8.23 -22.44 -10.21
CA ASP B 230 8.16 -21.26 -11.05
C ASP B 230 6.73 -20.76 -11.20
N THR B 231 5.77 -21.68 -11.39
CA THR B 231 4.38 -21.24 -11.52
C THR B 231 3.84 -20.65 -10.22
N ALA B 232 4.26 -21.21 -9.08
CA ALA B 232 3.88 -20.62 -7.80
C ALA B 232 4.45 -19.22 -7.65
N ALA B 233 5.72 -19.03 -7.99
CA ALA B 233 6.34 -17.71 -7.88
C ALA B 233 5.70 -16.70 -8.81
N ALA B 234 5.34 -17.13 -10.02
CA ALA B 234 4.70 -16.22 -10.96
C ALA B 234 3.33 -15.77 -10.42
N TYR B 235 2.56 -16.71 -9.86
CA TYR B 235 1.28 -16.35 -9.27
C TYR B 235 1.45 -15.40 -8.09
N ALA B 236 2.40 -15.71 -7.20
CA ALA B 236 2.57 -14.87 -6.03
C ALA B 236 2.98 -13.46 -6.42
N ASN B 237 3.88 -13.34 -7.41
CA ASN B 237 4.26 -12.02 -7.91
C ASN B 237 3.04 -11.27 -8.42
N ALA B 238 2.20 -11.96 -9.20
CA ALA B 238 1.00 -11.32 -9.75
C ALA B 238 0.04 -10.91 -8.65
N LEU B 239 -0.19 -11.79 -7.66
CA LEU B 239 -1.07 -11.44 -6.55
C LEU B 239 -0.55 -10.24 -5.78
N ALA B 240 0.76 -10.21 -5.54
CA ALA B 240 1.35 -9.11 -4.78
C ALA B 240 1.19 -7.78 -5.52
N ARG B 241 1.05 -7.82 -6.85
CA ARG B 241 0.88 -6.62 -7.67
C ARG B 241 -0.58 -6.20 -7.82
N GLN B 242 -1.52 -6.89 -7.19
CA GLN B 242 -2.93 -6.52 -7.23
C GLN B 242 -3.18 -5.45 -6.18
N ASP B 243 -3.19 -4.19 -6.62
CA ASP B 243 -3.18 -3.06 -5.70
C ASP B 243 -4.46 -2.95 -4.88
N GLY B 244 -5.57 -3.50 -5.39
CA GLY B 244 -6.83 -3.47 -4.65
C GLY B 244 -7.11 -4.69 -3.83
N ILE B 245 -6.27 -5.73 -3.88
CA ILE B 245 -6.48 -6.94 -3.10
C ILE B 245 -5.55 -6.85 -1.89
N LEU B 246 -6.12 -6.53 -0.73
CA LEU B 246 -5.30 -6.29 0.46
C LEU B 246 -4.88 -7.62 1.10
N THR B 247 -3.56 -7.83 1.17
CA THR B 247 -2.99 -9.00 1.80
C THR B 247 -2.03 -8.58 2.91
N LYS B 248 -1.74 -9.52 3.80
CA LYS B 248 -0.77 -9.31 4.85
C LYS B 248 0.42 -10.24 4.75
N LEU B 249 0.36 -11.24 3.86
CA LEU B 249 1.45 -12.18 3.66
C LEU B 249 1.29 -12.77 2.27
N VAL B 250 2.39 -12.83 1.52
CA VAL B 250 2.44 -13.57 0.25
C VAL B 250 3.78 -14.30 0.18
N SER B 251 3.77 -15.60 0.48
CA SER B 251 4.97 -16.41 0.58
C SER B 251 4.92 -17.50 -0.48
N VAL B 252 6.09 -17.91 -0.96
CA VAL B 252 6.21 -19.08 -1.85
C VAL B 252 7.12 -20.10 -1.17
N VAL B 253 6.61 -21.31 -0.98
CA VAL B 253 7.42 -22.39 -0.40
C VAL B 253 7.44 -23.54 -1.39
N ALA B 254 8.63 -23.83 -1.92
CA ALA B 254 8.77 -24.82 -2.98
C ALA B 254 8.69 -26.24 -2.43
N ALA B 255 8.08 -27.14 -3.21
CA ALA B 255 8.19 -28.55 -2.91
C ALA B 255 9.66 -28.95 -2.84
N PRO B 256 10.02 -29.93 -1.98
CA PRO B 256 9.17 -30.77 -1.14
C PRO B 256 8.88 -30.21 0.27
N CYS B 257 9.23 -28.96 0.55
CA CYS B 257 9.06 -28.45 1.91
C CYS B 257 7.62 -28.53 2.41
N PRO B 258 6.59 -28.10 1.67
CA PRO B 258 5.23 -28.15 2.25
C PRO B 258 4.78 -29.55 2.63
N PHE B 259 4.86 -30.50 1.71
CA PHE B 259 4.41 -31.84 2.02
C PHE B 259 5.28 -32.51 3.08
N ASP B 260 6.56 -32.19 3.12
CA ASP B 260 7.45 -32.88 4.05
C ASP B 260 7.36 -32.29 5.46
N TYR B 261 7.15 -30.97 5.56
CA TYR B 261 7.38 -30.29 6.82
C TYR B 261 6.18 -29.52 7.37
N PHE B 262 5.14 -29.27 6.56
CA PHE B 262 3.93 -28.63 7.07
C PHE B 262 2.98 -29.74 7.49
N LYS B 263 3.24 -30.28 8.69
CA LYS B 263 2.63 -31.55 9.08
C LYS B 263 1.13 -31.41 9.33
N ARG B 264 0.72 -30.38 10.06
CA ARG B 264 -0.68 -30.25 10.42
C ARG B 264 -1.57 -29.91 9.24
N HIS B 265 -1.06 -29.19 8.24
CA HIS B 265 -1.80 -28.89 7.03
C HIS B 265 -1.65 -29.97 5.96
N GLN B 266 -1.06 -31.13 6.31
CA GLN B 266 -0.73 -32.10 5.27
C GLN B 266 -1.95 -32.63 4.54
N LYS B 267 -3.10 -32.69 5.22
CA LYS B 267 -4.31 -33.16 4.56
C LYS B 267 -4.74 -32.29 3.40
N PHE B 268 -4.30 -31.03 3.36
CA PHE B 268 -4.62 -30.13 2.27
C PHE B 268 -3.56 -30.16 1.17
N LEU B 269 -2.47 -30.90 1.35
CA LEU B 269 -1.32 -30.89 0.46
C LEU B 269 -1.16 -32.23 -0.23
N LYS B 270 -0.35 -32.24 -1.28
CA LYS B 270 0.01 -33.47 -1.96
C LYS B 270 1.48 -33.43 -2.34
N GLU B 271 2.06 -34.61 -2.51
CA GLU B 271 3.46 -34.72 -2.85
C GLU B 271 3.75 -34.00 -4.17
N GLY B 272 4.84 -33.24 -4.18
CA GLY B 272 5.26 -32.52 -5.36
C GLY B 272 4.70 -31.12 -5.49
N GLN B 273 3.83 -30.70 -4.58
CA GLN B 273 3.13 -29.44 -4.70
C GLN B 273 3.92 -28.32 -4.01
N SER B 274 4.17 -27.25 -4.74
CA SER B 274 4.64 -26.00 -4.14
C SER B 274 3.43 -25.19 -3.71
N VAL B 275 3.62 -24.33 -2.71
CA VAL B 275 2.49 -23.59 -2.17
C VAL B 275 2.79 -22.10 -2.09
N VAL B 276 1.72 -21.31 -2.23
CA VAL B 276 1.74 -19.88 -1.93
C VAL B 276 0.89 -19.67 -0.68
N LEU B 277 1.49 -19.10 0.36
CA LEU B 277 0.79 -18.79 1.61
C LEU B 277 0.26 -17.37 1.51
N VAL B 278 -1.04 -17.20 1.77
CA VAL B 278 -1.71 -15.91 1.66
C VAL B 278 -2.46 -15.60 2.94
N MSE B 279 -2.34 -14.35 3.40
CA MSE B 279 -3.30 -13.79 4.35
C MSE B 279 -4.03 -12.68 3.61
O MSE B 279 -3.39 -11.71 3.21
CB MSE B 279 -2.58 -13.21 5.57
CG MSE B 279 -1.95 -14.27 6.44
SE MSE B 279 -0.90 -13.47 7.90
CE MSE B 279 -2.36 -12.66 8.88
N VAL B 280 -5.34 -12.82 3.41
CA VAL B 280 -6.12 -11.85 2.65
C VAL B 280 -7.19 -11.25 3.54
N ALA B 281 -7.31 -9.92 3.53
CA ALA B 281 -8.37 -9.28 4.30
C ALA B 281 -9.74 -9.75 3.83
N ALA B 282 -10.66 -9.91 4.78
CA ALA B 282 -12.00 -10.39 4.46
C ALA B 282 -12.66 -9.55 3.36
N GLN B 283 -12.45 -8.23 3.38
CA GLN B 283 -13.06 -7.38 2.35
C GLN B 283 -12.44 -7.55 0.97
N SER B 284 -11.31 -8.25 0.86
CA SER B 284 -10.68 -8.55 -0.42
C SER B 284 -10.76 -10.03 -0.78
N HIS B 285 -11.41 -10.84 0.05
CA HIS B 285 -11.39 -12.29 -0.15
C HIS B 285 -12.08 -12.69 -1.44
N ASP B 286 -13.24 -12.11 -1.73
CA ASP B 286 -13.93 -12.48 -2.97
C ASP B 286 -13.11 -12.11 -4.20
N ALA B 287 -12.49 -10.93 -4.18
CA ALA B 287 -11.64 -10.54 -5.29
C ALA B 287 -10.42 -11.45 -5.43
N PHE B 288 -9.86 -11.88 -4.29
CA PHE B 288 -8.78 -12.84 -4.31
C PHE B 288 -9.20 -14.14 -4.99
N LYS B 289 -10.41 -14.62 -4.69
CA LYS B 289 -10.88 -15.82 -5.36
C LYS B 289 -11.06 -15.59 -6.86
N ALA B 290 -11.63 -14.45 -7.24
CA ALA B 290 -11.85 -14.17 -8.66
C ALA B 290 -10.53 -14.04 -9.40
N PHE B 291 -9.57 -13.33 -8.80
CA PHE B 291 -8.25 -13.22 -9.41
C PHE B 291 -7.58 -14.58 -9.54
N SER B 292 -7.67 -15.41 -8.49
CA SER B 292 -7.02 -16.71 -8.53
C SER B 292 -7.61 -17.60 -9.61
N ALA B 293 -8.93 -17.53 -9.82
CA ALA B 293 -9.55 -18.32 -10.88
C ALA B 293 -9.08 -17.87 -12.25
N ARG B 294 -8.84 -16.57 -12.42
CA ARG B 294 -8.35 -16.02 -13.68
C ARG B 294 -6.86 -16.30 -13.88
N SER B 295 -6.11 -16.56 -12.81
CA SER B 295 -4.66 -16.60 -12.85
C SER B 295 -4.10 -18.01 -12.65
N GLY B 296 -4.91 -19.03 -12.85
CA GLY B 296 -4.41 -20.40 -12.70
C GLY B 296 -3.93 -20.71 -11.30
N GLY B 297 -4.63 -20.21 -10.29
CA GLY B 297 -4.25 -20.48 -8.92
C GLY B 297 -5.29 -21.32 -8.20
N GLU B 298 -4.99 -22.61 -7.99
CA GLU B 298 -5.91 -23.50 -7.31
C GLU B 298 -5.80 -23.30 -5.80
N ILE B 299 -6.91 -22.93 -5.17
CA ILE B 299 -6.93 -22.74 -3.72
C ILE B 299 -7.12 -24.10 -3.06
N ILE B 300 -6.08 -24.56 -2.37
CA ILE B 300 -6.09 -25.89 -1.75
C ILE B 300 -6.42 -25.86 -0.27
N PHE B 301 -6.43 -24.68 0.35
CA PHE B 301 -6.83 -24.50 1.74
C PHE B 301 -7.36 -23.08 1.88
N ASP B 302 -8.53 -22.96 2.50
CA ASP B 302 -9.13 -21.65 2.77
C ASP B 302 -9.75 -21.77 4.14
N ALA B 303 -9.30 -20.92 5.08
CA ALA B 303 -9.80 -21.02 6.46
C ALA B 303 -11.31 -20.86 6.56
N THR B 304 -11.95 -20.24 5.57
CA THR B 304 -13.42 -20.10 5.64
C THR B 304 -14.16 -21.32 5.13
N THR B 305 -13.49 -22.23 4.41
CA THR B 305 -14.14 -23.44 3.90
C THR B 305 -13.54 -24.73 4.43
N ALA B 306 -12.43 -24.68 5.17
CA ALA B 306 -11.71 -25.88 5.56
C ALA B 306 -12.41 -26.65 6.68
N GLY B 307 -13.45 -26.10 7.28
CA GLY B 307 -14.16 -26.83 8.32
C GLY B 307 -13.48 -26.64 9.66
N ASP B 308 -13.17 -27.74 10.33
CA ASP B 308 -12.58 -27.67 11.66
C ASP B 308 -11.12 -27.24 11.54
N LEU B 309 -10.78 -26.11 12.16
CA LEU B 309 -9.43 -25.58 12.12
C LEU B 309 -8.61 -25.99 13.33
N LYS B 310 -9.16 -26.83 14.21
CA LYS B 310 -8.48 -27.16 15.46
C LYS B 310 -7.09 -27.73 15.19
N GLY B 311 -6.12 -27.25 15.96
CA GLY B 311 -4.75 -27.71 15.84
C GLY B 311 -3.97 -27.15 14.68
N LEU B 312 -4.60 -26.42 13.76
CA LEU B 312 -3.87 -25.86 12.64
C LEU B 312 -3.17 -24.58 13.07
N PRO B 313 -1.88 -24.45 12.83
CA PRO B 313 -1.20 -23.19 13.13
C PRO B 313 -1.63 -22.13 12.13
N PRO B 314 -1.52 -20.85 12.49
CA PRO B 314 -1.69 -19.81 11.48
C PRO B 314 -0.65 -19.96 10.39
N LEU B 315 -1.04 -19.62 9.16
CA LEU B 315 -0.10 -19.79 8.04
C LEU B 315 1.18 -18.99 8.24
N PHE B 316 1.12 -17.86 8.97
CA PHE B 316 2.35 -17.09 9.19
C PHE B 316 3.38 -17.88 9.98
N GLU B 317 2.96 -18.86 10.78
CA GLU B 317 3.91 -19.74 11.46
C GLU B 317 4.40 -20.86 10.56
N LEU B 318 4.13 -20.77 9.26
CA LEU B 318 4.77 -21.60 8.24
C LEU B 318 5.61 -20.75 7.29
N SER B 319 5.78 -19.47 7.60
CA SER B 319 6.35 -18.48 6.70
C SER B 319 7.58 -17.84 7.35
N TRP B 320 8.28 -17.01 6.59
CA TRP B 320 9.50 -16.36 7.09
C TRP B 320 10.42 -17.40 7.72
N ASN B 321 11.12 -17.08 8.82
CA ASN B 321 12.00 -18.13 9.37
C ASN B 321 11.26 -19.24 10.11
N HIS B 322 9.94 -19.14 10.27
CA HIS B 322 9.18 -20.32 10.70
C HIS B 322 9.24 -21.43 9.68
N THR B 323 9.36 -21.11 8.38
CA THR B 323 9.56 -22.16 7.40
C THR B 323 10.82 -22.97 7.72
N THR B 324 11.89 -22.27 8.08
CA THR B 324 13.14 -22.93 8.45
C THR B 324 12.95 -23.76 9.71
N LEU B 325 12.24 -23.22 10.71
CA LEU B 325 11.95 -23.97 11.92
C LEU B 325 11.25 -25.29 11.58
N ARG B 326 10.22 -25.24 10.73
CA ARG B 326 9.48 -26.46 10.41
C ARG B 326 10.38 -27.50 9.77
N ALA B 327 11.31 -27.07 8.89
CA ALA B 327 12.21 -28.02 8.24
C ALA B 327 13.21 -28.60 9.24
N LEU B 328 13.86 -27.74 10.02
CA LEU B 328 14.93 -28.23 10.90
C LEU B 328 14.38 -29.02 12.08
N ARG B 329 13.09 -28.90 12.39
CA ARG B 329 12.50 -29.75 13.43
C ARG B 329 12.40 -31.20 12.97
N VAL B 330 12.34 -31.44 11.67
CA VAL B 330 12.29 -32.80 11.13
C VAL B 330 13.68 -33.28 10.72
N ASP B 331 14.44 -32.46 10.02
CA ASP B 331 15.83 -32.77 9.64
C ASP B 331 16.72 -31.64 10.09
N PRO B 332 17.53 -31.82 11.15
CA PRO B 332 18.35 -30.71 11.65
C PRO B 332 19.48 -30.29 10.72
N ALA B 333 19.72 -31.00 9.63
CA ALA B 333 20.76 -30.58 8.69
C ALA B 333 20.36 -29.36 7.85
N TRP B 334 19.10 -28.96 7.87
CA TRP B 334 18.67 -27.81 7.09
C TRP B 334 19.12 -26.52 7.78
N THR B 335 19.72 -25.63 7.00
CA THR B 335 19.90 -24.24 7.43
C THR B 335 19.27 -23.35 6.35
N TYR B 336 19.66 -22.08 6.31
CA TYR B 336 18.99 -21.13 5.43
C TYR B 336 19.98 -20.08 4.93
N LEU B 337 19.56 -19.37 3.88
CA LEU B 337 20.21 -18.15 3.42
C LEU B 337 19.22 -17.01 3.53
N GLN B 338 19.73 -15.78 3.43
CA GLN B 338 18.90 -14.59 3.29
C GLN B 338 19.31 -13.90 1.99
N VAL B 339 18.33 -13.66 1.11
CA VAL B 339 18.61 -13.26 -0.27
C VAL B 339 17.67 -12.13 -0.68
N LEU B 340 18.18 -11.23 -1.52
CA LEU B 340 17.35 -10.31 -2.26
C LEU B 340 17.40 -10.69 -3.75
N TYR B 341 16.24 -10.65 -4.40
CA TYR B 341 16.19 -10.86 -5.85
C TYR B 341 15.76 -9.53 -6.48
N PRO B 342 16.69 -8.72 -6.98
CA PRO B 342 16.35 -7.32 -7.28
C PRO B 342 15.37 -7.18 -8.42
N PHE B 343 14.37 -6.32 -8.20
CA PHE B 343 13.42 -5.93 -9.24
C PHE B 343 14.18 -5.40 -10.45
N PRO B 344 13.72 -5.64 -11.68
CA PRO B 344 12.50 -6.35 -12.08
C PRO B 344 12.72 -7.80 -12.46
N ASN B 345 13.88 -8.39 -12.10
CA ASN B 345 14.27 -9.69 -12.61
C ASN B 345 14.03 -10.82 -11.62
N GLN B 346 13.15 -10.61 -10.63
CA GLN B 346 13.07 -11.55 -9.52
C GLN B 346 12.58 -12.92 -9.97
N LEU B 347 11.68 -12.98 -10.94
CA LEU B 347 11.19 -14.30 -11.38
C LEU B 347 12.31 -15.10 -12.05
N GLU B 348 13.05 -14.45 -12.96
CA GLU B 348 14.17 -15.12 -13.62
C GLU B 348 15.27 -15.50 -12.64
N LEU B 349 15.56 -14.60 -11.68
CA LEU B 349 16.65 -14.87 -10.75
C LEU B 349 16.30 -16.00 -9.78
N THR B 350 15.09 -15.99 -9.23
CA THR B 350 14.70 -17.08 -8.32
C THR B 350 14.70 -18.42 -9.04
N ALA B 351 14.24 -18.46 -10.29
CA ALA B 351 14.22 -19.71 -11.04
C ALA B 351 15.64 -20.18 -11.32
N LYS B 352 16.55 -19.25 -11.65
CA LYS B 352 17.92 -19.64 -11.95
C LYS B 352 18.61 -20.24 -10.73
N MSE B 353 18.43 -19.63 -9.56
CA MSE B 353 19.02 -20.16 -8.35
C MSE B 353 18.39 -21.50 -7.99
O MSE B 353 19.08 -22.42 -7.57
CB MSE B 353 18.87 -19.16 -7.19
CG MSE B 353 19.66 -17.88 -7.37
SE MSE B 353 21.58 -18.15 -7.55
CE MSE B 353 21.71 -18.28 -9.50
N ASP B 354 17.07 -21.60 -8.19
CA ASP B 354 16.38 -22.86 -7.95
C ASP B 354 16.97 -23.99 -8.80
N ARG B 355 17.23 -23.72 -10.09
CA ARG B 355 17.80 -24.74 -10.98
C ARG B 355 19.27 -25.00 -10.68
N MSE B 356 19.98 -24.03 -10.11
CA MSE B 356 21.42 -24.17 -9.92
C MSE B 356 21.75 -25.15 -8.79
O MSE B 356 22.81 -25.78 -8.78
CB MSE B 356 22.07 -22.81 -9.67
CG MSE B 356 23.60 -22.87 -9.50
SE MSE B 356 24.36 -21.07 -9.44
CE MSE B 356 23.93 -20.54 -11.28
N PHE B 357 20.82 -25.28 -7.84
CA PHE B 357 21.04 -26.07 -6.62
C PHE B 357 19.90 -27.06 -6.41
N PRO B 358 19.79 -28.08 -7.27
CA PRO B 358 18.74 -29.08 -7.07
C PRO B 358 19.06 -29.96 -5.87
N GLY B 359 18.00 -30.33 -5.14
CA GLY B 359 18.12 -31.21 -3.97
C GLY B 359 18.74 -30.54 -2.75
N GLU B 360 19.85 -29.82 -2.97
CA GLU B 360 20.61 -29.18 -1.91
C GLU B 360 19.92 -27.95 -1.36
N LEU B 361 19.08 -27.31 -2.16
CA LEU B 361 18.40 -26.08 -1.79
C LEU B 361 16.92 -26.23 -2.09
N ILE B 362 16.08 -25.73 -1.19
CA ILE B 362 14.64 -25.64 -1.40
C ILE B 362 14.27 -24.17 -1.35
N SER B 363 13.67 -23.68 -2.43
CA SER B 363 13.40 -22.25 -2.55
C SER B 363 12.27 -21.82 -1.61
N HIS B 364 12.41 -20.61 -1.09
CA HIS B 364 11.39 -20.00 -0.24
C HIS B 364 11.46 -18.50 -0.46
N LEU B 365 10.37 -17.93 -0.98
CA LEU B 365 10.28 -16.50 -1.27
C LEU B 365 9.30 -15.85 -0.31
N GLU B 366 9.57 -14.59 0.02
CA GLU B 366 8.57 -13.72 0.65
C GLU B 366 8.44 -12.46 -0.18
N PHE B 367 7.22 -12.19 -0.67
CA PHE B 367 6.98 -10.98 -1.45
C PHE B 367 6.78 -9.79 -0.52
N VAL B 368 7.38 -8.66 -0.89
CA VAL B 368 7.44 -7.47 -0.05
C VAL B 368 7.46 -6.25 -0.95
N ARG B 369 7.21 -5.08 -0.37
CA ARG B 369 7.57 -3.85 -1.04
C ARG B 369 9.00 -3.49 -0.66
N PHE B 370 9.77 -3.05 -1.66
CA PHE B 370 11.18 -2.78 -1.45
C PHE B 370 11.56 -1.62 -2.37
N ASP B 371 11.88 -0.47 -1.76
CA ASP B 371 12.21 0.75 -2.51
C ASP B 371 11.11 1.14 -3.48
N GLY B 372 9.85 0.85 -3.14
CA GLY B 372 8.73 1.23 -3.96
C GLY B 372 8.33 0.23 -5.02
N ASP B 373 9.11 -0.81 -5.24
CA ASP B 373 8.71 -1.89 -6.14
C ASP B 373 8.22 -3.08 -5.33
N ILE B 374 7.45 -3.93 -6.00
CA ILE B 374 7.11 -5.25 -5.47
C ILE B 374 8.15 -6.26 -5.95
N THR B 375 8.83 -6.90 -5.00
CA THR B 375 9.75 -7.96 -5.36
C THR B 375 9.75 -8.98 -4.22
N CYS B 376 10.71 -9.89 -4.22
CA CYS B 376 10.76 -10.89 -3.18
C CYS B 376 12.13 -11.00 -2.57
N PHE B 377 12.14 -11.28 -1.27
CA PHE B 377 13.31 -11.77 -0.57
C PHE B 377 13.27 -13.29 -0.52
N GLY B 378 14.44 -13.87 -0.29
CA GLY B 378 14.57 -15.32 -0.21
C GLY B 378 15.04 -15.75 1.17
N LEU B 379 14.45 -16.84 1.66
CA LEU B 379 14.99 -17.60 2.79
C LEU B 379 15.11 -19.07 2.37
N PRO B 380 15.85 -19.34 1.28
CA PRO B 380 15.93 -20.73 0.82
C PRO B 380 16.56 -21.61 1.88
N LEU B 381 16.04 -22.82 2.00
CA LEU B 381 16.64 -23.85 2.84
C LEU B 381 17.86 -24.44 2.13
N VAL B 382 18.93 -24.64 2.88
CA VAL B 382 20.15 -25.24 2.35
C VAL B 382 20.53 -26.44 3.22
N LYS B 383 20.77 -27.58 2.57
CA LYS B 383 21.19 -28.79 3.26
C LYS B 383 22.66 -28.65 3.62
N PHE B 384 22.96 -28.52 4.90
CA PHE B 384 24.34 -28.29 5.32
C PHE B 384 25.19 -29.52 5.08
N THR B 385 26.33 -29.31 4.41
CA THR B 385 27.36 -30.33 4.27
C THR B 385 28.65 -29.84 4.91
N THR B 386 29.33 -28.85 4.32
CA THR B 386 30.54 -28.28 4.88
C THR B 386 30.42 -26.77 4.91
N ASP B 387 31.22 -26.16 5.78
CA ASP B 387 31.29 -24.70 5.80
C ASP B 387 31.68 -24.15 4.44
N GLU B 388 32.64 -24.81 3.78
CA GLU B 388 33.14 -24.31 2.50
C GLU B 388 32.05 -24.30 1.43
N ARG B 389 31.24 -25.37 1.38
CA ARG B 389 30.18 -25.42 0.37
C ARG B 389 29.11 -24.36 0.64
N LEU B 390 28.80 -24.13 1.91
CA LEU B 390 27.82 -23.10 2.24
C LEU B 390 28.28 -21.73 1.80
N GLU B 391 29.56 -21.40 2.04
CA GLU B 391 30.11 -20.14 1.54
C GLU B 391 30.06 -20.08 0.02
N GLU B 392 30.37 -21.19 -0.65
CA GLU B 392 30.31 -21.21 -2.11
C GLU B 392 28.91 -20.93 -2.62
N ILE B 393 27.89 -21.53 -2.01
CA ILE B 393 26.51 -21.29 -2.42
C ILE B 393 26.18 -19.80 -2.30
N MSE B 394 26.61 -19.18 -1.22
CA MSE B 394 26.38 -17.75 -1.05
C MSE B 394 27.18 -16.90 -2.04
O MSE B 394 26.63 -15.94 -2.60
CB MSE B 394 26.66 -17.34 0.40
CG MSE B 394 25.60 -17.84 1.36
SE MSE B 394 25.80 -17.17 3.18
CE MSE B 394 27.42 -18.14 3.61
N ASP B 395 28.44 -17.27 -2.27
CA ASP B 395 29.23 -16.59 -3.29
C ASP B 395 28.54 -16.65 -4.65
N LEU B 396 27.97 -17.81 -4.99
CA LEU B 396 27.32 -17.98 -6.28
C LEU B 396 26.07 -17.12 -6.40
N HIS B 397 25.31 -16.99 -5.30
CA HIS B 397 24.16 -16.08 -5.33
C HIS B 397 24.61 -14.64 -5.61
N ASN B 398 25.61 -14.17 -4.85
CA ASN B 398 26.13 -12.83 -5.07
C ASN B 398 26.62 -12.64 -6.50
N ALA B 399 27.33 -13.63 -7.03
CA ALA B 399 27.89 -13.52 -8.38
C ALA B 399 26.83 -13.60 -9.46
N ASN B 400 25.64 -14.08 -9.14
CA ASN B 400 24.55 -14.17 -10.11
C ASN B 400 23.45 -13.14 -9.89
N GLY B 401 23.78 -12.03 -9.22
CA GLY B 401 22.82 -10.94 -9.12
C GLY B 401 21.80 -11.04 -8.00
N CYS B 402 22.03 -11.91 -7.00
CA CYS B 402 21.12 -12.12 -5.89
C CYS B 402 21.85 -11.81 -4.60
N PRO B 403 21.80 -10.56 -4.12
CA PRO B 403 22.59 -10.19 -2.93
C PRO B 403 22.25 -11.03 -1.71
N ILE B 404 23.30 -11.42 -0.97
CA ILE B 404 23.19 -12.24 0.22
C ILE B 404 23.38 -11.36 1.46
N PHE B 405 22.52 -11.55 2.46
CA PHE B 405 22.72 -10.98 3.78
C PHE B 405 23.07 -12.18 4.67
N ASN B 406 24.38 -12.38 4.87
CA ASN B 406 24.89 -13.64 5.41
C ASN B 406 24.41 -13.88 6.84
N PRO B 407 23.55 -14.88 7.06
CA PRO B 407 23.06 -15.16 8.42
C PRO B 407 24.00 -16.07 9.20
N HIS B 408 25.13 -16.43 8.63
CA HIS B 408 26.12 -17.29 9.28
C HIS B 408 27.25 -16.49 9.85
N ARG B 409 26.89 -15.32 10.37
CA ARG B 409 27.80 -14.33 10.92
C ARG B 409 27.10 -13.70 12.10
N TYR B 410 27.89 -13.13 13.01
CA TYR B 410 27.35 -12.52 14.21
C TYR B 410 27.69 -11.04 14.35
N THR B 411 28.43 -10.45 13.41
CA THR B 411 28.70 -9.03 13.44
C THR B 411 27.75 -8.27 12.53
N LEU B 412 27.57 -6.98 12.84
CA LEU B 412 26.72 -6.12 12.02
C LEU B 412 27.22 -6.11 10.57
N GLU B 413 28.48 -5.79 10.37
CA GLU B 413 28.96 -5.61 9.00
C GLU B 413 28.91 -6.91 8.20
N GLU B 414 29.33 -8.03 8.81
CA GLU B 414 29.36 -9.26 8.04
C GLU B 414 27.97 -9.82 7.74
N GLY B 415 26.96 -9.41 8.51
CA GLY B 415 25.57 -9.81 8.26
C GLY B 415 24.94 -9.11 7.07
N GLY B 416 25.56 -8.07 6.53
CA GLY B 416 25.12 -7.48 5.28
C GLY B 416 23.95 -6.54 5.39
N MSE B 417 23.38 -6.37 6.58
CA MSE B 417 22.22 -5.51 6.75
C MSE B 417 22.60 -4.10 7.23
O MSE B 417 22.34 -3.13 6.53
CB MSE B 417 21.16 -6.17 7.65
CG MSE B 417 20.65 -7.49 7.07
SE MSE B 417 19.13 -8.14 8.09
CE MSE B 417 18.55 -9.49 6.77
N LYS B 418 23.25 -3.98 8.39
CA LYS B 418 23.51 -2.66 8.99
C LYS B 418 24.88 -2.14 8.56
N GLN B 419 24.88 -1.21 7.60
CA GLN B 419 26.10 -0.62 7.11
C GLN B 419 26.75 0.24 8.18
N THR B 420 28.06 0.10 8.34
CA THR B 420 28.84 1.02 9.15
C THR B 420 29.30 2.18 8.28
N ASP B 421 29.07 3.40 8.75
CA ASP B 421 29.70 4.56 8.16
C ASP B 421 30.18 5.47 9.28
N GLU B 422 30.72 6.63 8.91
CA GLU B 422 31.28 7.54 9.90
C GLU B 422 30.23 8.00 10.91
N ILE B 423 28.97 8.16 10.46
CA ILE B 423 27.91 8.57 11.37
C ILE B 423 27.60 7.48 12.39
N GLN B 424 27.55 6.22 11.94
CA GLN B 424 27.36 5.12 12.87
C GLN B 424 28.50 5.06 13.90
N LEU B 425 29.75 5.25 13.45
CA LEU B 425 30.87 5.21 14.39
C LEU B 425 30.84 6.38 15.36
N ALA B 426 30.51 7.58 14.87
CA ALA B 426 30.42 8.74 15.75
C ALA B 426 29.32 8.56 16.77
N PHE B 427 28.19 7.98 16.35
CA PHE B 427 27.07 7.82 17.27
C PHE B 427 27.38 6.77 18.34
N LYS B 428 28.07 5.68 17.99
CA LYS B 428 28.47 4.73 19.03
C LYS B 428 29.39 5.38 20.06
N ARG B 429 30.31 6.25 19.61
CA ARG B 429 31.14 6.96 20.57
C ARG B 429 30.33 7.90 21.44
N GLU B 430 29.28 8.51 20.87
CA GLU B 430 28.41 9.39 21.64
C GLU B 430 27.60 8.60 22.67
N ALA B 431 27.08 7.44 22.28
CA ALA B 431 26.17 6.69 23.13
C ALA B 431 26.87 5.63 23.98
N ASP B 432 28.13 5.29 23.66
CA ASP B 432 28.82 4.21 24.35
C ASP B 432 30.33 4.47 24.29
N PRO B 433 30.81 5.57 24.87
CA PRO B 433 32.23 5.92 24.70
C PRO B 433 33.21 4.84 25.16
N LYS B 434 32.84 4.04 26.16
CA LYS B 434 33.74 2.99 26.64
C LYS B 434 33.57 1.67 25.89
N GLY B 435 32.65 1.58 24.93
CA GLY B 435 32.46 0.35 24.18
C GLY B 435 31.98 -0.82 25.03
N LEU B 436 31.08 -0.54 25.97
CA LEU B 436 30.54 -1.58 26.84
C LEU B 436 29.23 -2.17 26.35
N LEU B 437 28.60 -1.60 25.32
CA LEU B 437 27.33 -2.09 24.81
C LEU B 437 27.57 -3.12 23.72
N ASN B 438 27.22 -4.37 24.03
CA ASN B 438 27.31 -5.49 23.09
C ASN B 438 28.66 -5.51 22.36
N PRO B 439 29.77 -5.61 23.09
CA PRO B 439 31.07 -5.55 22.42
C PRO B 439 31.25 -6.70 21.46
N GLY B 440 32.09 -6.46 20.44
CA GLY B 440 32.39 -7.45 19.44
C GLY B 440 31.39 -7.54 18.30
N LYS B 441 30.25 -6.87 18.39
CA LYS B 441 29.22 -6.94 17.34
C LYS B 441 29.47 -5.96 16.21
N MSE B 442 30.28 -4.92 16.44
CA MSE B 442 30.57 -3.94 15.40
C MSE B 442 32.07 -3.99 15.09
O MSE B 442 32.89 -3.56 15.90
CB MSE B 442 30.14 -2.55 15.84
CG MSE B 442 30.24 -1.48 14.75
SE MSE B 442 30.07 0.31 15.49
CE MSE B 442 29.62 1.27 13.86
N ILE B 443 32.41 -4.54 13.92
CA ILE B 443 33.82 -4.73 13.60
C ILE B 443 34.56 -3.41 13.56
N ALA B 444 33.94 -2.38 12.97
CA ALA B 444 34.65 -1.12 12.76
C ALA B 444 35.02 -0.43 14.07
N TRP B 445 34.28 -0.70 15.15
CA TRP B 445 34.61 -0.13 16.45
C TRP B 445 35.90 -0.73 17.00
N ASP B 446 36.09 -2.05 16.80
CA ASP B 446 37.26 -2.74 17.31
C ASP B 446 38.49 -2.55 16.42
N ASP B 447 38.28 -2.34 15.13
CA ASP B 447 39.38 -2.33 14.16
C ASP B 447 39.38 -1.02 13.39
N PRO B 448 40.19 -0.03 13.80
CA PRO B 448 40.26 1.23 13.04
C PRO B 448 40.85 1.05 11.64
N ASP B 449 41.42 -0.10 11.32
CA ASP B 449 41.93 -0.40 9.99
C ASP B 449 40.90 -1.07 9.09
N TYR B 450 39.77 -1.50 9.65
CA TYR B 450 38.77 -2.20 8.85
C TYR B 450 38.14 -1.24 7.85
N ASP B 451 38.07 -1.67 6.60
CA ASP B 451 37.47 -0.87 5.53
C ASP B 451 35.96 -1.07 5.58
N PHE B 452 35.27 -0.14 6.21
CA PHE B 452 33.81 -0.21 6.28
C PHE B 452 33.13 0.35 5.03
N ASN B 453 33.90 0.88 4.08
CA ASN B 453 33.35 1.43 2.85
C ASN B 453 33.25 0.41 1.72
N SER B 454 33.45 -0.87 2.02
CA SER B 454 33.20 -1.93 1.07
C SER B 454 31.81 -2.51 1.33
N GLY B 455 31.53 -3.69 0.81
CA GLY B 455 30.18 -4.22 0.87
C GLY B 455 29.28 -3.51 -0.10
N LYS B 456 28.65 -4.28 -0.98
CA LYS B 456 27.87 -3.67 -2.07
C LYS B 456 26.47 -3.28 -1.61
N VAL B 457 25.62 -4.27 -1.40
CA VAL B 457 24.20 -4.06 -1.15
C VAL B 457 23.96 -4.17 0.34
N TRP B 458 23.56 -3.06 0.96
CA TRP B 458 23.24 -3.02 2.38
C TRP B 458 21.75 -2.83 2.54
N LEU B 459 21.13 -3.64 3.40
CA LEU B 459 19.70 -3.54 3.60
C LEU B 459 19.34 -2.27 4.36
N PHE B 460 20.13 -1.94 5.39
CA PHE B 460 20.00 -0.73 6.19
C PHE B 460 21.19 0.16 5.83
N LYS B 461 21.03 0.97 4.79
CA LYS B 461 22.10 1.86 4.35
C LYS B 461 22.33 2.96 5.38
N GLY B 462 23.58 3.40 5.47
CA GLY B 462 23.93 4.45 6.40
C GLY B 462 23.32 5.79 6.05
N LEU B 463 23.34 6.70 7.02
CA LEU B 463 22.75 8.02 6.83
C LEU B 463 23.61 8.96 5.99
N LYS B 464 24.93 8.75 5.93
CA LYS B 464 25.79 9.69 5.26
C LYS B 464 25.46 9.75 3.77
N GLN B 465 25.26 10.96 3.26
CA GLN B 465 24.89 11.19 1.87
C GLN B 465 26.08 11.73 1.10
N ALA B 466 25.95 11.72 -0.23
CA ALA B 466 27.01 12.21 -1.11
C ALA B 466 26.70 13.62 -1.60
PA FAD C . -22.82 11.54 -13.06
O1A FAD C . -24.22 11.91 -12.64
O2A FAD C . -22.04 12.61 -13.74
O5B FAD C . -22.88 10.24 -13.91
C5B FAD C . -21.67 9.60 -14.37
C4B FAD C . -22.01 8.38 -15.17
O4B FAD C . -22.51 7.35 -14.31
C3B FAD C . -23.10 8.57 -16.24
O3B FAD C . -22.83 7.70 -17.32
C2B FAD C . -24.37 8.12 -15.52
O2B FAD C . -25.32 7.62 -16.45
C1B FAD C . -23.82 6.95 -14.71
N9A FAD C . -24.54 6.61 -13.49
C8A FAD C . -24.74 7.40 -12.39
N7A FAD C . -25.35 6.78 -11.40
C5A FAD C . -25.55 5.50 -11.89
C6A FAD C . -26.15 4.36 -11.33
N6A FAD C . -26.67 4.31 -10.10
N1A FAD C . -26.19 3.24 -12.09
C2A FAD C . -25.66 3.27 -13.32
N3A FAD C . -25.06 4.29 -13.94
C4A FAD C . -25.05 5.38 -13.17
N1 FAD C . -13.60 11.77 -11.71
C2 FAD C . -12.68 10.90 -11.21
O2 FAD C . -12.75 9.67 -11.40
N3 FAD C . -11.62 11.38 -10.46
C4 FAD C . -11.39 12.71 -10.17
O4 FAD C . -10.43 13.02 -9.45
C4X FAD C . -12.35 13.63 -10.72
N5 FAD C . -12.19 14.92 -10.49
C5X FAD C . -13.12 15.79 -11.02
C6 FAD C . -12.96 17.16 -10.81
C7 FAD C . -13.88 18.07 -11.32
C7M FAD C . -13.68 19.54 -11.04
C8 FAD C . -14.97 17.62 -12.06
C8M FAD C . -15.99 18.60 -12.62
C9 FAD C . -15.13 16.26 -12.29
C9A FAD C . -14.23 15.34 -11.78
N10 FAD C . -14.35 13.94 -11.98
C10 FAD C . -13.43 13.06 -11.48
C1' FAD C . -15.52 13.38 -12.68
C2' FAD C . -16.72 13.17 -11.75
O2' FAD C . -16.82 14.23 -10.79
C3' FAD C . -16.60 11.88 -10.92
O3' FAD C . -16.23 10.75 -11.72
C4' FAD C . -17.87 11.52 -10.14
O4' FAD C . -17.64 10.52 -9.15
C5' FAD C . -19.04 11.10 -11.00
O5' FAD C . -20.20 10.93 -10.14
P FAD C . -21.55 11.69 -10.43
O1P FAD C . -22.50 11.24 -9.31
O2P FAD C . -21.35 13.10 -10.65
O3P FAD C . -22.01 10.99 -11.79
PA FAD D . 16.57 -10.48 21.04
O1A FAD D . 16.50 -10.60 22.52
O2A FAD D . 16.90 -11.71 20.24
O5B FAD D . 17.54 -9.31 20.69
C5B FAD D . 17.75 -8.90 19.32
C4B FAD D . 18.74 -7.76 19.30
O4B FAD D . 18.15 -6.56 19.85
C3B FAD D . 20.01 -7.99 20.12
O3B FAD D . 21.09 -7.34 19.46
C2B FAD D . 19.69 -7.31 21.45
O2B FAD D . 20.91 -6.89 22.08
C1B FAD D . 18.91 -6.10 20.95
N9A FAD D . 17.98 -5.51 21.89
C8A FAD D . 16.89 -6.12 22.44
N7A FAD D . 16.15 -5.32 23.18
C5A FAD D . 16.80 -4.10 23.07
C6A FAD D . 16.52 -2.83 23.62
N6A FAD D . 15.47 -2.58 24.40
N1A FAD D . 17.37 -1.82 23.31
C2A FAD D . 18.41 -2.06 22.52
N3A FAD D . 18.77 -3.22 21.95
C4A FAD D . 17.92 -4.20 22.27
N1 FAD D . 12.95 -11.57 12.47
C2 FAD D . 12.36 -10.73 11.58
O2 FAD D . 12.73 -9.56 11.44
N3 FAD D . 11.33 -11.21 10.78
C4 FAD D . 10.83 -12.50 10.80
O4 FAD D . 9.88 -12.81 10.08
C4X FAD D . 11.47 -13.37 11.76
N5 FAD D . 11.06 -14.61 11.86
C5X FAD D . 11.69 -15.44 12.77
C6 FAD D . 11.27 -16.77 12.87
C7 FAD D . 11.87 -17.65 13.78
C7M FAD D . 11.38 -19.07 13.88
C8 FAD D . 12.90 -17.18 14.61
C8M FAD D . 13.57 -18.11 15.59
C9 FAD D . 13.34 -15.86 14.50
C9A FAD D . 12.74 -14.99 13.59
N10 FAD D . 13.13 -13.63 13.46
C10 FAD D . 12.53 -12.81 12.55
C1' FAD D . 14.17 -13.04 14.31
C2' FAD D . 13.62 -12.57 15.67
O2' FAD D . 12.62 -13.45 16.18
C3' FAD D . 12.94 -11.20 15.55
O3' FAD D . 13.74 -10.24 14.88
C4' FAD D . 12.54 -10.63 16.93
O4' FAD D . 11.65 -9.52 16.82
C5' FAD D . 13.71 -10.21 17.79
O5' FAD D . 13.21 -9.74 19.06
P FAD D . 13.70 -10.39 20.42
O1P FAD D . 12.94 -9.76 21.59
O2P FAD D . 13.68 -11.86 20.37
O3P FAD D . 15.23 -9.84 20.48
#